data_3QKV
#
_entry.id   3QKV
#
_cell.length_a   90.820
_cell.length_b   104.080
_cell.length_c   147.850
_cell.angle_alpha   90.000
_cell.angle_beta   90.000
_cell.angle_gamma   90.000
#
_symmetry.space_group_name_H-M   'P 21 21 21'
#
loop_
_entity.id
_entity.type
_entity.pdbx_description
1 polymer 'Fatty-acid amide hydrolase 1'
2 non-polymer "(6-bromo-1'H,4H-spiro[1,3-benzodioxine-2,4'-piperidin]-1'-yl)methanol"
#
_entity_poly.entity_id   1
_entity_poly.type   'polypeptide(L)'
_entity_poly.pdbx_seq_one_letter_code
;MGGSHHHHHHGMASMTGGQQMGRDLYDDDDKDRWGSELETGRQKARGAATRARQKQRASLETMDKAVQRFRLQNPDLDSE
ALLTLPLLQLVQKLQSGELSPEAVFFTYLGKAWEVNKGTNCVTSYLTDCETQLSQAPRQGLLYGVPVSLKECFSYKGHDS
TLGLSLNEGMPSESDCVVVQVLKLQGAVPFVHTNVPQSMLSFDCSNPLFGQTMNPWKSSKSPGGSSGGEGALIGSGGSPL
GLGTDIGGSIRFPSAFCGICGLKPTGNRLSKSGLKGCVYGQTAVQLSLGPMARDVESLALCLKALLCEHLFTLDPTVPPL
PFREEVYRSSRPLRVGYYETDNYTMPSPAMRRALIETKQRLEAAGHTLIPFLPNNIPYALEVLSAGGLFSDGGRSFLQNF
KGDFVDPCLGDLILILRLPSWFKRLLSLLLKPLFPRLAAFLNSMRPRSAEKLWKLQHEIEMYRQSVIAQWKAMNLDVLLT
PMLGPALDLNTPGRATGAISYTVLYNCLDFPAGVVPVTTVTAEDDAQMELYKGYFGDIWDIILKKAMKNSVGLPVAVQCV
ALPWQEELCLRFMREVEQLMTPQKQPS
;
_entity_poly.pdbx_strand_id   A,B
#
# COMPACT_ATOMS: atom_id res chain seq x y z
N GLU A 37 30.54 -10.72 20.10
CA GLU A 37 30.22 -12.11 19.69
C GLU A 37 31.44 -12.82 19.09
N LEU A 38 31.53 -14.13 19.32
CA LEU A 38 32.64 -14.94 18.82
C LEU A 38 32.59 -15.12 17.31
N GLU A 39 33.77 -15.01 16.67
CA GLU A 39 33.89 -15.17 15.23
C GLU A 39 33.79 -16.65 14.84
N THR A 40 32.96 -16.94 13.85
CA THR A 40 32.78 -18.30 13.34
C THR A 40 33.76 -18.63 12.21
N GLY A 41 34.39 -17.60 11.67
CA GLY A 41 35.34 -17.77 10.57
C GLY A 41 34.69 -17.69 9.21
N ARG A 42 35.34 -18.27 8.21
CA ARG A 42 34.84 -18.24 6.83
C ARG A 42 34.73 -19.65 6.24
N GLN A 43 35.04 -20.65 7.04
CA GLN A 43 35.07 -22.05 6.60
C GLN A 43 33.72 -22.57 6.11
N LYS A 44 32.64 -22.16 6.77
CA LYS A 44 31.29 -22.53 6.36
C LYS A 44 30.91 -21.82 5.06
N ALA A 45 31.41 -20.60 4.88
CA ALA A 45 31.18 -19.81 3.68
C ALA A 45 31.98 -20.33 2.48
N ARG A 46 33.15 -20.90 2.76
CA ARG A 46 34.02 -21.44 1.72
C ARG A 46 33.43 -22.69 1.05
N GLY A 47 32.93 -23.61 1.88
CA GLY A 47 32.31 -24.84 1.39
C GLY A 47 30.98 -24.59 0.70
N ALA A 48 30.28 -23.54 1.13
CA ALA A 48 29.02 -23.13 0.54
C ALA A 48 29.20 -22.61 -0.89
N ALA A 49 30.28 -21.85 -1.10
CA ALA A 49 30.62 -21.31 -2.41
C ALA A 49 31.13 -22.39 -3.36
N THR A 50 31.78 -23.41 -2.79
CA THR A 50 32.28 -24.55 -3.56
C THR A 50 31.12 -25.36 -4.14
N ARG A 51 30.07 -25.55 -3.33
CA ARG A 51 28.86 -26.24 -3.77
C ARG A 51 27.99 -25.36 -4.69
N ALA A 52 28.15 -24.05 -4.56
CA ALA A 52 27.44 -23.09 -5.41
C ALA A 52 28.03 -23.04 -6.82
N ARG A 53 29.36 -23.14 -6.91
CA ARG A 53 30.06 -23.16 -8.20
C ARG A 53 29.76 -24.44 -8.98
N GLN A 54 29.54 -25.53 -8.25
CA GLN A 54 29.21 -26.83 -8.85
C GLN A 54 27.81 -26.82 -9.47
N LYS A 55 26.85 -26.25 -8.74
CA LYS A 55 25.49 -26.09 -9.23
C LYS A 55 25.45 -25.21 -10.47
N GLN A 56 26.42 -24.31 -10.58
CA GLN A 56 26.58 -23.45 -11.76
C GLN A 56 27.19 -24.23 -12.93
N ARG A 57 28.23 -25.00 -12.65
CA ARG A 57 28.93 -25.78 -13.67
C ARG A 57 28.08 -26.93 -14.22
N ALA A 58 27.35 -27.61 -13.34
CA ALA A 58 26.46 -28.71 -13.72
C ALA A 58 25.27 -28.20 -14.55
N SER A 59 24.84 -26.97 -14.26
CA SER A 59 23.78 -26.31 -15.02
C SER A 59 24.18 -26.08 -16.47
N LEU A 60 25.39 -25.55 -16.66
CA LEU A 60 25.94 -25.30 -17.99
C LEU A 60 26.18 -26.60 -18.78
N GLU A 61 26.52 -27.66 -18.06
CA GLU A 61 26.69 -28.99 -18.64
C GLU A 61 25.35 -29.56 -19.11
N THR A 62 24.32 -29.38 -18.29
CA THR A 62 22.96 -29.81 -18.64
C THR A 62 22.40 -29.00 -19.80
N MET A 63 22.73 -27.71 -19.82
CA MET A 63 22.35 -26.81 -20.90
C MET A 63 23.01 -27.20 -22.22
N ASP A 64 24.28 -27.58 -22.15
CA ASP A 64 25.06 -27.97 -23.33
C ASP A 64 24.60 -29.29 -23.94
N LYS A 65 24.32 -30.27 -23.09
CA LYS A 65 23.80 -31.57 -23.53
C LYS A 65 22.42 -31.47 -24.17
N ALA A 66 21.62 -30.52 -23.69
CA ALA A 66 20.27 -30.31 -24.19
C ALA A 66 20.24 -29.67 -25.57
N VAL A 67 21.10 -28.66 -25.78
CA VAL A 67 21.13 -27.94 -27.05
C VAL A 67 21.85 -28.70 -28.17
N GLN A 68 22.74 -29.62 -27.79
CA GLN A 68 23.45 -30.45 -28.76
C GLN A 68 22.57 -31.55 -29.34
N ARG A 69 21.70 -32.11 -28.49
CA ARG A 69 20.75 -33.13 -28.93
C ARG A 69 19.68 -32.58 -29.86
N PHE A 70 19.38 -31.29 -29.70
CA PHE A 70 18.37 -30.61 -30.54
C PHE A 70 18.94 -30.21 -31.90
N ARG A 71 20.22 -29.84 -31.92
CA ARG A 71 20.89 -29.44 -33.16
C ARG A 71 21.17 -30.61 -34.10
N LEU A 72 21.30 -31.81 -33.53
CA LEU A 72 21.41 -33.04 -34.30
C LEU A 72 20.06 -33.44 -34.92
N GLN A 73 18.98 -33.07 -34.24
CA GLN A 73 17.62 -33.31 -34.74
C GLN A 73 17.22 -32.26 -35.78
N ASN A 74 17.61 -31.01 -35.55
CA ASN A 74 17.30 -29.91 -36.46
C ASN A 74 18.58 -29.23 -37.00
N PRO A 75 19.11 -29.75 -38.12
CA PRO A 75 20.33 -29.18 -38.70
C PRO A 75 20.08 -27.94 -39.56
N ASP A 76 18.89 -27.86 -40.17
CA ASP A 76 18.55 -26.75 -41.08
C ASP A 76 17.87 -25.58 -40.37
N LEU A 77 17.71 -25.69 -39.05
CA LEU A 77 17.08 -24.64 -38.24
C LEU A 77 18.00 -23.43 -38.13
N ASP A 78 17.49 -22.28 -38.58
CA ASP A 78 18.24 -21.03 -38.55
C ASP A 78 18.23 -20.43 -37.15
N SER A 79 19.42 -20.18 -36.61
CA SER A 79 19.57 -19.63 -35.26
C SER A 79 19.59 -18.11 -35.25
N GLU A 80 20.34 -17.51 -36.17
CA GLU A 80 20.48 -16.06 -36.25
C GLU A 80 19.18 -15.35 -36.64
N ALA A 81 18.37 -15.99 -37.48
CA ALA A 81 17.06 -15.46 -37.87
C ALA A 81 16.06 -15.58 -36.73
N LEU A 82 16.28 -16.55 -35.85
CA LEU A 82 15.42 -16.78 -34.69
C LEU A 82 15.68 -15.75 -33.60
N LEU A 83 16.95 -15.47 -33.34
CA LEU A 83 17.37 -14.61 -32.23
C LEU A 83 17.17 -13.12 -32.49
N THR A 84 17.37 -12.69 -33.73
CA THR A 84 17.26 -11.29 -34.11
C THR A 84 15.82 -10.75 -34.08
N LEU A 85 14.87 -11.63 -34.34
CA LEU A 85 13.45 -11.28 -34.32
C LEU A 85 12.98 -10.85 -32.93
N PRO A 86 12.21 -9.73 -32.86
CA PRO A 86 11.67 -9.23 -31.59
C PRO A 86 10.64 -10.18 -30.98
N LEU A 87 10.33 -9.97 -29.70
CA LEU A 87 9.41 -10.83 -28.96
C LEU A 87 7.97 -10.78 -29.50
N LEU A 88 7.60 -9.64 -30.08
CA LEU A 88 6.27 -9.45 -30.64
C LEU A 88 6.01 -10.35 -31.85
N GLN A 89 7.01 -10.47 -32.70
CA GLN A 89 6.95 -11.36 -33.86
C GLN A 89 7.18 -12.81 -33.44
N LEU A 90 7.91 -12.99 -32.35
CA LEU A 90 8.22 -14.31 -31.81
C LEU A 90 6.97 -14.97 -31.20
N VAL A 91 6.16 -14.18 -30.50
CA VAL A 91 4.95 -14.67 -29.85
C VAL A 91 3.81 -14.88 -30.87
N GLN A 92 3.85 -14.15 -31.98
CA GLN A 92 2.86 -14.29 -33.05
C GLN A 92 3.10 -15.56 -33.87
N LYS A 93 4.37 -15.90 -34.09
CA LYS A 93 4.74 -17.12 -34.82
C LYS A 93 4.57 -18.36 -33.95
N LEU A 94 4.59 -18.17 -32.64
CA LEU A 94 4.36 -19.25 -31.67
C LEU A 94 2.87 -19.55 -31.51
N GLN A 95 2.04 -18.52 -31.62
CA GLN A 95 0.59 -18.66 -31.49
C GLN A 95 -0.03 -19.22 -32.76
N SER A 96 0.50 -18.82 -33.92
CA SER A 96 0.02 -19.27 -35.22
C SER A 96 0.45 -20.72 -35.52
N GLY A 97 1.69 -21.04 -35.14
CA GLY A 97 2.23 -22.39 -35.33
C GLY A 97 3.36 -22.47 -36.35
N GLU A 98 3.94 -21.32 -36.68
CA GLU A 98 5.06 -21.25 -37.61
C GLU A 98 6.34 -21.79 -36.97
N LEU A 99 6.52 -21.47 -35.69
CA LEU A 99 7.68 -21.93 -34.93
C LEU A 99 7.23 -22.75 -33.72
N SER A 100 7.84 -23.92 -33.55
CA SER A 100 7.55 -24.81 -32.42
C SER A 100 8.16 -24.27 -31.13
N PRO A 101 7.50 -24.54 -29.98
CA PRO A 101 8.00 -24.11 -28.67
C PRO A 101 9.39 -24.66 -28.32
N GLU A 102 9.74 -25.81 -28.91
CA GLU A 102 11.06 -26.41 -28.72
C GLU A 102 12.14 -25.64 -29.46
N ALA A 103 11.80 -25.15 -30.66
CA ALA A 103 12.73 -24.43 -31.52
C ALA A 103 13.23 -23.13 -30.87
N VAL A 104 12.29 -22.33 -30.37
CA VAL A 104 12.61 -21.05 -29.73
C VAL A 104 13.30 -21.20 -28.38
N PHE A 105 13.06 -22.35 -27.74
CA PHE A 105 13.63 -22.64 -26.43
C PHE A 105 15.13 -22.94 -26.50
N PHE A 106 15.50 -23.94 -27.29
CA PHE A 106 16.89 -24.40 -27.38
C PHE A 106 17.82 -23.46 -28.14
N THR A 107 17.23 -22.59 -28.98
CA THR A 107 18.01 -21.56 -29.68
C THR A 107 18.44 -20.48 -28.70
N TYR A 108 17.52 -20.03 -27.85
CA TYR A 108 17.81 -19.06 -26.80
C TYR A 108 18.63 -19.65 -25.66
N LEU A 109 18.45 -20.96 -25.43
CA LEU A 109 19.18 -21.68 -24.37
C LEU A 109 20.66 -21.79 -24.74
N GLY A 110 20.92 -22.07 -26.01
CA GLY A 110 22.29 -22.15 -26.53
C GLY A 110 22.98 -20.80 -26.59
N LYS A 111 22.20 -19.77 -26.91
CA LYS A 111 22.68 -18.39 -26.92
C LYS A 111 23.03 -17.92 -25.51
N ALA A 112 22.22 -18.33 -24.54
CA ALA A 112 22.44 -18.01 -23.13
C ALA A 112 23.70 -18.69 -22.58
N TRP A 113 24.00 -19.87 -23.10
CA TRP A 113 25.19 -20.62 -22.73
C TRP A 113 26.46 -19.99 -23.32
N GLU A 114 26.35 -19.51 -24.55
CA GLU A 114 27.47 -18.90 -25.28
C GLU A 114 27.90 -17.56 -24.69
N VAL A 115 26.92 -16.73 -24.31
CA VAL A 115 27.21 -15.40 -23.76
C VAL A 115 27.69 -15.46 -22.31
N ASN A 116 27.35 -16.56 -21.61
CA ASN A 116 27.76 -16.76 -20.23
C ASN A 116 29.25 -17.00 -20.06
N LYS A 117 29.89 -17.49 -21.13
CA LYS A 117 31.33 -17.74 -21.15
C LYS A 117 32.15 -16.44 -21.16
N GLY A 118 31.48 -15.33 -21.46
CA GLY A 118 32.14 -14.02 -21.51
C GLY A 118 31.55 -12.99 -20.57
N THR A 119 30.39 -13.28 -20.00
CA THR A 119 29.69 -12.34 -19.10
C THR A 119 29.55 -12.85 -17.67
N ASN A 120 29.39 -14.18 -17.53
CA ASN A 120 29.13 -14.83 -16.23
C ASN A 120 27.89 -14.26 -15.54
N CYS A 121 26.74 -14.46 -16.18
CA CYS A 121 25.48 -13.89 -15.71
C CYS A 121 24.47 -14.93 -15.24
N VAL A 122 24.69 -16.19 -15.61
CA VAL A 122 23.79 -17.28 -15.23
C VAL A 122 24.32 -18.02 -14.01
N THR A 123 23.48 -18.12 -12.97
CA THR A 123 23.86 -18.82 -11.74
C THR A 123 23.41 -20.27 -11.74
N SER A 124 22.19 -20.53 -12.19
CA SER A 124 21.62 -21.87 -12.20
C SER A 124 20.60 -22.07 -13.32
N TYR A 125 20.62 -23.24 -13.92
CA TYR A 125 19.63 -23.64 -14.92
C TYR A 125 18.51 -24.43 -14.23
N LEU A 126 17.28 -23.99 -14.45
CA LEU A 126 16.11 -24.62 -13.86
C LEU A 126 15.81 -25.94 -14.56
N THR A 127 15.99 -27.04 -13.83
CA THR A 127 15.87 -28.39 -14.38
C THR A 127 14.45 -28.73 -14.83
N ASP A 128 13.46 -28.37 -14.01
CA ASP A 128 12.05 -28.63 -14.33
C ASP A 128 11.45 -27.53 -15.20
N CYS A 129 12.00 -27.37 -16.40
CA CYS A 129 11.52 -26.39 -17.38
C CYS A 129 11.10 -27.08 -18.68
N GLU A 130 11.75 -28.20 -18.99
CA GLU A 130 11.44 -29.00 -20.18
C GLU A 130 10.07 -29.67 -20.04
N THR A 131 9.68 -29.96 -18.80
CA THR A 131 8.36 -30.49 -18.49
C THR A 131 7.30 -29.39 -18.59
N GLN A 132 7.72 -28.16 -18.24
CA GLN A 132 6.86 -26.98 -18.33
C GLN A 132 6.66 -26.55 -19.79
N LEU A 133 7.64 -26.87 -20.63
CA LEU A 133 7.60 -26.57 -22.06
C LEU A 133 6.39 -27.24 -22.74
N SER A 134 6.17 -28.52 -22.41
CA SER A 134 5.05 -29.28 -22.94
C SER A 134 3.75 -28.97 -22.20
N GLN A 135 3.86 -28.51 -20.97
CA GLN A 135 2.69 -28.18 -20.13
C GLN A 135 2.24 -26.73 -20.26
N ALA A 136 2.95 -25.95 -21.10
CA ALA A 136 2.62 -24.55 -21.32
C ALA A 136 1.29 -24.38 -22.05
N PRO A 137 0.35 -23.62 -21.44
CA PRO A 137 -0.98 -23.37 -22.03
C PRO A 137 -0.90 -22.65 -23.37
N ARG A 138 -1.52 -23.25 -24.39
CA ARG A 138 -1.50 -22.74 -25.76
C ARG A 138 -2.17 -21.37 -25.89
N GLN A 139 -3.21 -21.15 -25.08
CA GLN A 139 -3.99 -19.91 -25.11
C GLN A 139 -3.35 -18.78 -24.28
N GLY A 140 -2.24 -19.08 -23.62
CA GLY A 140 -1.51 -18.10 -22.81
C GLY A 140 -0.87 -17.00 -23.64
N LEU A 141 -0.79 -15.80 -23.06
CA LEU A 141 -0.27 -14.62 -23.76
C LEU A 141 1.24 -14.66 -24.00
N LEU A 142 1.96 -15.37 -23.13
CA LEU A 142 3.41 -15.53 -23.26
C LEU A 142 3.79 -16.96 -23.63
N TYR A 143 2.99 -17.58 -24.48
CA TYR A 143 3.18 -18.99 -24.87
C TYR A 143 4.49 -19.26 -25.58
N GLY A 144 5.28 -20.17 -25.01
CA GLY A 144 6.56 -20.58 -25.58
C GLY A 144 7.66 -19.53 -25.50
N VAL A 145 7.51 -18.61 -24.57
CA VAL A 145 8.49 -17.53 -24.37
C VAL A 145 9.48 -17.91 -23.26
N PRO A 146 10.78 -17.97 -23.59
CA PRO A 146 11.83 -18.20 -22.60
C PRO A 146 12.02 -16.96 -21.74
N VAL A 147 11.81 -17.10 -20.43
CA VAL A 147 11.91 -15.97 -19.52
C VAL A 147 12.99 -16.20 -18.46
N SER A 148 13.96 -15.28 -18.41
CA SER A 148 15.01 -15.31 -17.39
C SER A 148 14.50 -14.74 -16.07
N LEU A 149 14.98 -15.31 -14.97
CA LEU A 149 14.56 -14.88 -13.64
C LEU A 149 15.74 -14.40 -12.79
N LYS A 150 15.49 -13.39 -11.98
CA LYS A 150 16.45 -12.94 -10.97
C LYS A 150 16.43 -13.94 -9.81
N GLU A 151 17.58 -14.15 -9.18
CA GLU A 151 17.73 -15.19 -8.17
C GLU A 151 16.82 -14.99 -6.94
N CYS A 152 16.40 -13.75 -6.71
CA CYS A 152 15.48 -13.40 -5.62
C CYS A 152 14.10 -14.05 -5.80
N PHE A 153 13.70 -14.27 -7.06
CA PHE A 153 12.47 -14.99 -7.38
C PHE A 153 12.66 -16.47 -7.06
N SER A 154 11.96 -16.94 -6.04
CA SER A 154 12.09 -18.31 -5.56
C SER A 154 11.48 -19.32 -6.53
N TYR A 155 12.27 -20.33 -6.88
CA TYR A 155 11.84 -21.40 -7.78
C TYR A 155 11.84 -22.74 -7.04
N LYS A 156 10.86 -23.58 -7.35
CA LYS A 156 10.70 -24.88 -6.70
C LYS A 156 11.94 -25.77 -6.85
N GLY A 157 12.54 -26.10 -5.71
CA GLY A 157 13.72 -26.95 -5.68
C GLY A 157 15.01 -26.25 -6.09
N HIS A 158 15.03 -24.93 -5.95
CA HIS A 158 16.20 -24.12 -6.31
C HIS A 158 16.54 -23.08 -5.25
N ASP A 159 17.84 -22.88 -5.05
CA ASP A 159 18.35 -21.95 -4.05
C ASP A 159 18.21 -20.49 -4.48
N SER A 160 17.72 -19.66 -3.56
CA SER A 160 17.76 -18.21 -3.72
C SER A 160 18.83 -17.67 -2.78
N THR A 161 20.08 -17.73 -3.25
CA THR A 161 21.24 -17.43 -2.42
C THR A 161 21.41 -15.94 -2.14
N LEU A 162 21.09 -15.12 -3.15
CA LEU A 162 21.28 -13.66 -3.08
C LEU A 162 22.73 -13.24 -2.83
N GLY A 163 23.64 -14.22 -2.87
CA GLY A 163 25.06 -13.99 -2.60
C GLY A 163 25.49 -14.38 -1.21
N LEU A 164 24.51 -14.66 -0.34
CA LEU A 164 24.78 -15.01 1.06
C LEU A 164 25.02 -16.51 1.23
N SER A 165 25.87 -16.85 2.21
CA SER A 165 26.22 -18.23 2.50
C SER A 165 25.10 -19.01 3.17
N LEU A 166 24.35 -18.35 4.06
CA LEU A 166 23.29 -19.00 4.83
C LEU A 166 22.05 -19.31 3.99
N ASN A 167 21.87 -18.59 2.88
CA ASN A 167 20.73 -18.78 1.99
C ASN A 167 20.90 -19.92 0.99
N GLU A 168 22.15 -20.34 0.76
CA GLU A 168 22.43 -21.47 -0.13
C GLU A 168 22.26 -22.80 0.60
N GLY A 169 21.97 -23.85 -0.15
CA GLY A 169 21.65 -25.15 0.41
C GLY A 169 20.25 -25.14 1.03
N MET A 170 19.45 -24.15 0.61
CA MET A 170 18.11 -23.96 1.14
C MET A 170 17.15 -23.76 -0.03
N PRO A 171 16.67 -24.88 -0.63
CA PRO A 171 15.78 -24.79 -1.79
C PRO A 171 14.37 -24.36 -1.42
N SER A 172 13.72 -23.65 -2.34
CA SER A 172 12.34 -23.19 -2.14
C SER A 172 11.36 -24.34 -2.35
N GLU A 173 10.35 -24.40 -1.48
CA GLU A 173 9.34 -25.46 -1.52
C GLU A 173 8.42 -25.34 -2.73
N SER A 174 8.16 -24.10 -3.15
CA SER A 174 7.28 -23.82 -4.29
C SER A 174 7.73 -22.57 -5.04
N ASP A 175 7.22 -22.41 -6.26
CA ASP A 175 7.46 -21.22 -7.07
C ASP A 175 6.71 -20.02 -6.48
N CYS A 176 7.28 -18.82 -6.64
CA CYS A 176 6.63 -17.60 -6.18
C CYS A 176 5.48 -17.20 -7.12
N VAL A 177 4.59 -16.35 -6.62
CA VAL A 177 3.37 -15.95 -7.33
C VAL A 177 3.63 -15.46 -8.77
N VAL A 178 4.63 -14.59 -8.93
CA VAL A 178 4.95 -14.01 -10.24
C VAL A 178 5.60 -15.01 -11.21
N VAL A 179 6.22 -16.06 -10.67
CA VAL A 179 6.74 -17.16 -11.49
C VAL A 179 5.60 -18.10 -11.86
N GLN A 180 4.66 -18.29 -10.93
CA GLN A 180 3.47 -19.11 -11.15
C GLN A 180 2.60 -18.59 -12.28
N VAL A 181 2.44 -17.26 -12.36
CA VAL A 181 1.64 -16.63 -13.41
C VAL A 181 2.32 -16.69 -14.78
N LEU A 182 3.65 -16.72 -14.78
CA LEU A 182 4.42 -16.88 -16.01
C LEU A 182 4.17 -18.27 -16.63
N LYS A 183 4.17 -19.29 -15.77
CA LYS A 183 3.89 -20.66 -16.19
C LYS A 183 2.45 -20.83 -16.67
N LEU A 184 1.53 -20.09 -16.02
CA LEU A 184 0.11 -20.12 -16.39
C LEU A 184 -0.17 -19.36 -17.69
N GLN A 185 0.68 -18.41 -18.03
CA GLN A 185 0.56 -17.64 -19.27
C GLN A 185 1.37 -18.24 -20.42
N GLY A 186 1.93 -19.42 -20.19
CA GLY A 186 2.65 -20.16 -21.23
C GLY A 186 4.14 -19.93 -21.29
N ALA A 187 4.65 -18.99 -20.50
CA ALA A 187 6.08 -18.68 -20.46
C ALA A 187 6.87 -19.77 -19.76
N VAL A 188 8.06 -20.05 -20.29
CA VAL A 188 8.94 -21.07 -19.72
C VAL A 188 10.18 -20.43 -19.08
N PRO A 189 10.21 -20.39 -17.73
CA PRO A 189 11.39 -19.92 -17.01
C PRO A 189 12.50 -20.96 -17.07
N PHE A 190 13.71 -20.54 -17.44
CA PHE A 190 14.79 -21.49 -17.69
C PHE A 190 16.08 -21.27 -16.88
N VAL A 191 16.43 -20.01 -16.62
CA VAL A 191 17.66 -19.71 -15.87
C VAL A 191 17.49 -18.68 -14.76
N HIS A 192 18.31 -18.80 -13.73
CA HIS A 192 18.45 -17.77 -12.70
C HIS A 192 19.65 -16.88 -13.02
N THR A 193 19.44 -15.57 -12.95
CA THR A 193 20.48 -14.60 -13.26
C THR A 193 21.27 -14.17 -12.02
N ASN A 194 22.49 -13.70 -12.23
CA ASN A 194 23.41 -13.36 -11.14
C ASN A 194 23.06 -12.06 -10.43
N VAL A 195 23.34 -12.02 -9.14
CA VAL A 195 23.09 -10.84 -8.30
C VAL A 195 24.31 -10.54 -7.43
N PRO A 196 24.51 -9.26 -7.05
CA PRO A 196 25.51 -8.93 -6.04
C PRO A 196 25.08 -9.41 -4.65
N GLN A 197 26.04 -9.55 -3.75
CA GLN A 197 25.78 -10.03 -2.39
C GLN A 197 24.75 -9.14 -1.69
N SER A 198 23.71 -9.77 -1.15
CA SER A 198 22.59 -9.12 -0.44
C SER A 198 21.70 -8.24 -1.32
N MET A 199 22.05 -8.12 -2.60
CA MET A 199 21.33 -7.29 -3.59
C MET A 199 21.42 -5.78 -3.31
N LEU A 200 22.18 -5.38 -2.28
CA LEU A 200 22.29 -3.98 -1.90
C LEU A 200 23.52 -3.31 -2.53
N SER A 201 23.56 -3.30 -3.85
CA SER A 201 24.61 -2.65 -4.64
C SER A 201 24.20 -2.65 -6.10
N PHE A 202 24.52 -1.57 -6.82
CA PHE A 202 24.25 -1.51 -8.26
C PHE A 202 25.42 -1.99 -9.11
N ASP A 203 26.29 -2.81 -8.50
CA ASP A 203 27.25 -3.62 -9.21
C ASP A 203 26.67 -5.04 -9.25
N CYS A 204 27.46 -6.02 -9.71
CA CYS A 204 27.01 -7.41 -9.74
C CYS A 204 28.13 -8.42 -9.51
N SER A 205 28.38 -8.70 -8.23
CA SER A 205 29.41 -9.66 -7.83
C SER A 205 29.12 -10.26 -6.46
N ASN A 206 29.26 -11.58 -6.37
CA ASN A 206 29.05 -12.30 -5.10
C ASN A 206 30.10 -13.41 -4.89
N PRO A 207 30.47 -13.68 -3.62
CA PRO A 207 31.48 -14.68 -3.29
C PRO A 207 31.08 -16.12 -3.63
N LEU A 208 29.80 -16.33 -3.93
CA LEU A 208 29.27 -17.68 -4.19
C LEU A 208 29.22 -18.06 -5.67
N PHE A 209 28.93 -17.08 -6.53
CA PHE A 209 28.79 -17.33 -7.96
C PHE A 209 29.78 -16.58 -8.85
N GLY A 210 30.50 -15.63 -8.25
CA GLY A 210 31.53 -14.88 -8.96
C GLY A 210 31.12 -13.47 -9.33
N GLN A 211 31.71 -12.97 -10.41
CA GLN A 211 31.47 -11.60 -10.86
C GLN A 211 30.85 -11.57 -12.26
N THR A 212 29.85 -10.72 -12.43
CA THR A 212 29.21 -10.53 -13.73
C THR A 212 29.90 -9.40 -14.49
N MET A 213 30.05 -9.57 -15.79
CA MET A 213 30.71 -8.60 -16.65
C MET A 213 29.77 -8.08 -17.74
N ASN A 214 29.99 -6.83 -18.14
CA ASN A 214 29.18 -6.19 -19.19
C ASN A 214 29.47 -6.80 -20.56
N PRO A 215 28.41 -7.16 -21.32
CA PRO A 215 28.56 -7.74 -22.65
C PRO A 215 29.17 -6.78 -23.68
N TRP A 216 29.18 -5.49 -23.38
CA TRP A 216 29.75 -4.47 -24.25
C TRP A 216 31.24 -4.26 -24.02
N LYS A 217 31.64 -4.27 -22.74
CA LYS A 217 33.04 -4.09 -22.37
C LYS A 217 33.41 -4.93 -21.13
N SER A 218 34.56 -5.58 -21.20
CA SER A 218 35.01 -6.51 -20.15
C SER A 218 35.29 -5.85 -18.81
N SER A 219 35.90 -4.66 -18.84
CA SER A 219 36.29 -3.95 -17.63
C SER A 219 35.14 -3.17 -16.98
N LYS A 220 33.99 -3.14 -17.64
CA LYS A 220 32.85 -2.36 -17.18
C LYS A 220 31.81 -3.22 -16.44
N SER A 221 31.15 -2.60 -15.47
CA SER A 221 30.09 -3.25 -14.69
C SER A 221 28.81 -3.37 -15.51
N PRO A 222 28.09 -4.51 -15.37
CA PRO A 222 26.83 -4.72 -16.08
C PRO A 222 25.62 -4.15 -15.35
N GLY A 223 25.86 -3.42 -14.25
CA GLY A 223 24.78 -2.84 -13.44
C GLY A 223 24.37 -3.75 -12.30
N GLY A 224 23.29 -3.36 -11.62
CA GLY A 224 22.78 -4.12 -10.48
C GLY A 224 21.55 -3.50 -9.84
N SER A 225 20.85 -4.26 -9.01
CA SER A 225 21.23 -5.61 -8.63
C SER A 225 20.77 -6.70 -9.62
N SER A 226 20.07 -6.29 -10.68
CA SER A 226 19.67 -7.21 -11.75
C SER A 226 20.73 -7.24 -12.85
N GLY A 227 22.01 -7.25 -12.44
CA GLY A 227 23.13 -7.24 -13.37
C GLY A 227 23.22 -8.47 -14.27
N GLY A 228 22.79 -9.61 -13.73
CA GLY A 228 22.72 -10.85 -14.51
C GLY A 228 21.66 -10.78 -15.59
N GLU A 229 20.55 -10.10 -15.30
CA GLU A 229 19.47 -9.89 -16.26
C GLU A 229 19.91 -8.99 -17.42
N GLY A 230 20.57 -7.88 -17.08
CA GLY A 230 21.05 -6.92 -18.07
C GLY A 230 22.07 -7.51 -19.02
N ALA A 231 23.00 -8.30 -18.47
CA ALA A 231 24.07 -8.93 -19.25
C ALA A 231 23.54 -10.01 -20.19
N LEU A 232 22.51 -10.73 -19.75
CA LEU A 232 21.93 -11.81 -20.54
C LEU A 232 21.03 -11.30 -21.66
N ILE A 233 20.16 -10.35 -21.34
CA ILE A 233 19.24 -9.76 -22.32
C ILE A 233 19.99 -8.85 -23.30
N GLY A 234 20.94 -8.08 -22.78
CA GLY A 234 21.75 -7.16 -23.58
C GLY A 234 22.59 -7.83 -24.64
N SER A 235 23.02 -9.06 -24.37
CA SER A 235 23.82 -9.84 -25.31
C SER A 235 22.94 -10.66 -26.26
N GLY A 236 21.71 -10.93 -25.83
CA GLY A 236 20.73 -11.64 -26.67
C GLY A 236 20.37 -13.04 -26.17
N GLY A 237 20.79 -13.37 -24.95
CA GLY A 237 20.51 -14.67 -24.35
C GLY A 237 19.08 -14.86 -23.90
N SER A 238 18.42 -13.75 -23.55
CA SER A 238 17.03 -13.76 -23.11
C SER A 238 16.21 -12.64 -23.75
N PRO A 239 15.00 -12.97 -24.24
CA PRO A 239 14.12 -11.96 -24.83
C PRO A 239 13.31 -11.18 -23.78
N LEU A 240 13.12 -11.78 -22.61
CA LEU A 240 12.35 -11.16 -21.53
C LEU A 240 12.84 -11.65 -20.17
N GLY A 241 12.85 -10.75 -19.19
CA GLY A 241 13.29 -11.07 -17.84
C GLY A 241 12.59 -10.25 -16.77
N LEU A 242 12.75 -10.67 -15.51
CA LEU A 242 12.19 -9.97 -14.36
C LEU A 242 13.25 -9.64 -13.32
N GLY A 243 13.05 -8.56 -12.58
CA GLY A 243 13.98 -8.13 -11.55
C GLY A 243 13.35 -7.23 -10.50
N THR A 244 13.94 -7.22 -9.30
CA THR A 244 13.50 -6.34 -8.22
C THR A 244 14.11 -4.94 -8.33
N ASP A 245 13.60 -4.02 -7.52
CA ASP A 245 14.05 -2.63 -7.51
C ASP A 245 13.67 -1.93 -6.21
N ILE A 246 14.65 -1.31 -5.57
CA ILE A 246 14.44 -0.54 -4.35
C ILE A 246 15.35 0.69 -4.33
N GLY A 247 16.33 0.70 -5.23
CA GLY A 247 17.27 1.81 -5.39
C GLY A 247 17.65 2.04 -6.84
N GLY A 248 17.02 1.27 -7.74
CA GLY A 248 17.28 1.37 -9.18
C GLY A 248 17.76 0.06 -9.80
N SER A 249 17.41 -1.05 -9.16
CA SER A 249 17.92 -2.37 -9.55
C SER A 249 17.41 -2.90 -10.89
N ILE A 250 16.32 -2.33 -11.41
CA ILE A 250 15.86 -2.63 -12.76
C ILE A 250 16.52 -1.67 -13.75
N ARG A 251 16.58 -0.40 -13.35
CA ARG A 251 16.99 0.69 -14.23
C ARG A 251 18.50 0.78 -14.46
N PHE A 252 19.29 0.44 -13.44
CA PHE A 252 20.76 0.49 -13.55
C PHE A 252 21.34 -0.48 -14.59
N PRO A 253 21.03 -1.80 -14.50
CA PRO A 253 21.58 -2.72 -15.50
C PRO A 253 20.98 -2.55 -16.89
N SER A 254 19.80 -1.92 -16.96
CA SER A 254 19.15 -1.63 -18.24
C SER A 254 19.88 -0.52 -19.00
N ALA A 255 20.40 0.46 -18.26
CA ALA A 255 21.15 1.56 -18.85
C ALA A 255 22.60 1.18 -19.10
N PHE A 256 23.16 0.33 -18.24
CA PHE A 256 24.55 -0.11 -18.32
C PHE A 256 24.78 -1.07 -19.49
N CYS A 257 23.75 -1.85 -19.84
CA CYS A 257 23.84 -2.84 -20.90
C CYS A 257 23.08 -2.44 -22.18
N GLY A 258 22.25 -1.42 -22.07
CA GLY A 258 21.52 -0.89 -23.22
C GLY A 258 20.26 -1.68 -23.58
N ILE A 259 19.40 -1.89 -22.59
CA ILE A 259 18.11 -2.53 -22.79
C ILE A 259 16.99 -1.76 -22.09
N CYS A 260 15.74 -2.15 -22.38
CA CYS A 260 14.58 -1.52 -21.76
C CYS A 260 14.18 -2.21 -20.46
N GLY A 261 13.83 -1.40 -19.46
CA GLY A 261 13.41 -1.91 -18.15
C GLY A 261 12.41 -0.99 -17.49
N LEU A 262 11.38 -1.58 -16.88
CA LEU A 262 10.34 -0.81 -16.22
C LEU A 262 10.20 -1.16 -14.74
N LYS A 263 10.27 -0.13 -13.90
CA LYS A 263 9.97 -0.27 -12.48
C LYS A 263 8.61 0.37 -12.21
N PRO A 264 7.58 -0.47 -11.97
CA PRO A 264 6.23 0.03 -11.68
C PRO A 264 6.08 0.44 -10.22
N THR A 265 4.84 0.71 -9.81
CA THR A 265 4.52 1.01 -8.42
C THR A 265 4.76 -0.23 -7.57
N GLY A 266 5.25 -0.02 -6.35
CA GLY A 266 5.64 -1.12 -5.43
C GLY A 266 4.64 -2.25 -5.30
N ASN A 267 3.36 -1.90 -5.27
CA ASN A 267 2.29 -2.89 -5.07
C ASN A 267 1.43 -3.12 -6.32
N ARG A 268 2.04 -2.93 -7.50
CA ARG A 268 1.37 -3.22 -8.76
C ARG A 268 1.58 -4.69 -9.16
N LEU A 269 2.71 -5.25 -8.74
CA LEU A 269 3.00 -6.67 -8.93
C LEU A 269 3.25 -7.37 -7.60
N SER A 270 3.07 -8.68 -7.58
CA SER A 270 3.16 -9.48 -6.35
C SER A 270 4.59 -9.59 -5.82
N LYS A 271 4.75 -9.24 -4.55
CA LYS A 271 6.04 -9.38 -3.85
C LYS A 271 6.13 -10.70 -3.10
N SER A 272 5.04 -11.46 -3.11
CA SER A 272 4.95 -12.73 -2.37
C SER A 272 5.87 -13.80 -2.96
N GLY A 273 6.72 -14.37 -2.11
CA GLY A 273 7.66 -15.42 -2.51
C GLY A 273 9.03 -14.90 -2.87
N LEU A 274 9.15 -13.59 -3.06
CA LEU A 274 10.42 -12.95 -3.40
C LEU A 274 11.33 -12.88 -2.18
N LYS A 275 12.47 -13.54 -2.26
CA LYS A 275 13.41 -13.62 -1.14
C LYS A 275 14.31 -12.38 -1.07
N GLY A 276 14.37 -11.78 0.11
CA GLY A 276 15.23 -10.63 0.36
C GLY A 276 16.09 -10.84 1.59
N CYS A 277 17.06 -9.94 1.79
CA CYS A 277 17.94 -9.99 2.95
C CYS A 277 17.26 -9.40 4.19
N VAL A 278 16.50 -8.33 3.99
CA VAL A 278 15.77 -7.67 5.08
C VAL A 278 14.25 -7.78 4.85
N TYR A 279 13.52 -8.03 5.94
CA TYR A 279 12.06 -8.15 5.87
C TYR A 279 11.36 -7.15 6.80
N GLY A 280 10.22 -6.64 6.36
CA GLY A 280 9.42 -5.72 7.15
C GLY A 280 9.65 -4.25 6.84
N GLN A 281 10.54 -3.98 5.89
CA GLN A 281 10.86 -2.62 5.48
C GLN A 281 9.78 -2.09 4.53
N THR A 282 9.03 -1.10 4.99
CA THR A 282 7.91 -0.55 4.23
C THR A 282 8.05 0.95 3.92
N ALA A 283 9.07 1.58 4.49
CA ALA A 283 9.33 3.01 4.28
C ALA A 283 9.66 3.31 2.81
N VAL A 284 10.67 2.61 2.29
CA VAL A 284 11.01 2.66 0.87
C VAL A 284 10.43 1.42 0.20
N GLN A 285 9.55 1.62 -0.76
CA GLN A 285 8.80 0.54 -1.39
C GLN A 285 9.63 -0.28 -2.38
N LEU A 286 9.60 -1.60 -2.20
CA LEU A 286 10.24 -2.54 -3.13
C LEU A 286 9.31 -2.81 -4.31
N SER A 287 9.86 -2.74 -5.51
CA SER A 287 9.09 -2.94 -6.73
C SER A 287 9.76 -3.94 -7.67
N LEU A 288 8.94 -4.65 -8.45
CA LEU A 288 9.44 -5.60 -9.44
C LEU A 288 8.79 -5.35 -10.79
N GLY A 289 9.55 -5.58 -11.87
CA GLY A 289 9.06 -5.31 -13.22
C GLY A 289 9.79 -6.06 -14.32
N PRO A 290 9.41 -5.79 -15.59
CA PRO A 290 9.96 -6.49 -16.74
C PRO A 290 11.25 -5.85 -17.29
N MET A 291 12.07 -6.68 -17.92
CA MET A 291 13.29 -6.24 -18.61
C MET A 291 13.37 -6.92 -19.96
N ALA A 292 13.50 -6.12 -21.03
CA ALA A 292 13.53 -6.64 -22.39
C ALA A 292 14.35 -5.75 -23.34
N ARG A 293 14.52 -6.21 -24.58
CA ARG A 293 15.26 -5.46 -25.59
C ARG A 293 14.53 -4.22 -26.07
N ASP A 294 13.21 -4.33 -26.22
CA ASP A 294 12.37 -3.20 -26.62
C ASP A 294 11.26 -2.91 -25.60
N VAL A 295 10.64 -1.74 -25.73
CA VAL A 295 9.60 -1.30 -24.79
C VAL A 295 8.25 -2.03 -24.99
N GLU A 296 7.98 -2.43 -26.23
CA GLU A 296 6.72 -3.10 -26.57
C GLU A 296 6.59 -4.47 -25.89
N SER A 297 7.74 -5.09 -25.59
CA SER A 297 7.77 -6.37 -24.88
C SER A 297 7.46 -6.21 -23.39
N LEU A 298 7.80 -5.04 -22.84
CA LEU A 298 7.54 -4.73 -21.42
C LEU A 298 6.04 -4.61 -21.16
N ALA A 299 5.33 -3.97 -22.08
CA ALA A 299 3.89 -3.77 -21.98
C ALA A 299 3.11 -5.07 -22.15
N LEU A 300 3.67 -5.99 -22.94
CA LEU A 300 3.08 -7.32 -23.14
C LEU A 300 3.28 -8.17 -21.88
N CYS A 301 4.44 -8.00 -21.24
CA CYS A 301 4.75 -8.71 -20.00
C CYS A 301 3.89 -8.22 -18.84
N LEU A 302 3.64 -6.91 -18.80
CA LEU A 302 2.81 -6.30 -17.77
C LEU A 302 1.35 -6.70 -17.96
N LYS A 303 0.93 -6.80 -19.23
CA LYS A 303 -0.43 -7.20 -19.58
C LYS A 303 -0.68 -8.68 -19.24
N ALA A 304 0.33 -9.51 -19.46
CA ALA A 304 0.24 -10.95 -19.18
C ALA A 304 0.27 -11.24 -17.69
N LEU A 305 1.04 -10.47 -16.94
CA LEU A 305 1.13 -10.62 -15.49
C LEU A 305 -0.13 -10.11 -14.78
N LEU A 306 -0.65 -8.98 -15.26
CA LEU A 306 -1.89 -8.40 -14.74
C LEU A 306 -3.11 -9.15 -15.25
N CYS A 307 -3.38 -10.29 -14.63
CA CYS A 307 -4.53 -11.12 -14.98
C CYS A 307 -5.13 -11.76 -13.72
N GLU A 308 -6.24 -12.47 -13.89
CA GLU A 308 -6.95 -13.13 -12.78
C GLU A 308 -6.05 -14.01 -11.91
N HIS A 309 -5.03 -14.60 -12.53
CA HIS A 309 -4.09 -15.49 -11.85
C HIS A 309 -3.29 -14.78 -10.76
N LEU A 310 -2.87 -13.54 -11.04
CA LEU A 310 -2.06 -12.76 -10.11
C LEU A 310 -2.86 -12.29 -8.89
N PHE A 311 -4.09 -11.84 -9.12
CA PHE A 311 -4.92 -11.26 -8.07
C PHE A 311 -5.55 -12.32 -7.17
N THR A 312 -5.67 -13.54 -7.68
CA THR A 312 -6.20 -14.66 -6.89
C THR A 312 -5.14 -15.21 -5.95
N LEU A 313 -3.94 -15.47 -6.48
CA LEU A 313 -2.83 -16.02 -5.70
C LEU A 313 -2.28 -15.00 -4.69
N ASP A 314 -2.39 -13.72 -5.02
CA ASP A 314 -1.99 -12.65 -4.11
C ASP A 314 -3.03 -11.52 -4.10
N PRO A 315 -4.00 -11.60 -3.18
CA PRO A 315 -5.08 -10.61 -3.05
C PRO A 315 -4.63 -9.25 -2.54
N THR A 316 -3.40 -9.17 -2.04
CA THR A 316 -2.82 -7.90 -1.55
C THR A 316 -2.60 -6.90 -2.67
N VAL A 317 -2.40 -7.42 -3.89
CA VAL A 317 -2.26 -6.60 -5.09
C VAL A 317 -3.64 -6.22 -5.62
N PRO A 318 -3.90 -4.91 -5.81
CA PRO A 318 -5.17 -4.43 -6.36
C PRO A 318 -5.44 -4.95 -7.78
N PRO A 319 -6.69 -5.40 -8.04
CA PRO A 319 -7.06 -5.96 -9.34
C PRO A 319 -7.18 -4.90 -10.44
N LEU A 320 -6.04 -4.34 -10.83
CA LEU A 320 -5.99 -3.33 -11.88
C LEU A 320 -5.65 -3.98 -13.22
N PRO A 321 -6.57 -3.88 -14.19
CA PRO A 321 -6.28 -4.40 -15.53
C PRO A 321 -5.35 -3.47 -16.30
N PHE A 322 -4.56 -4.04 -17.20
CA PHE A 322 -3.65 -3.26 -18.04
C PHE A 322 -4.45 -2.45 -19.05
N ARG A 323 -4.45 -1.13 -18.87
CA ARG A 323 -5.20 -0.23 -19.74
C ARG A 323 -4.50 -0.05 -21.08
N GLU A 324 -5.05 -0.71 -22.10
CA GLU A 324 -4.50 -0.68 -23.45
C GLU A 324 -4.74 0.68 -24.13
N GLU A 325 -5.91 1.26 -23.87
CA GLU A 325 -6.30 2.55 -24.46
C GLU A 325 -5.39 3.71 -24.05
N VAL A 326 -4.79 3.59 -22.86
CA VAL A 326 -3.84 4.59 -22.35
C VAL A 326 -2.46 4.40 -23.01
N TYR A 327 -2.06 3.14 -23.15
CA TYR A 327 -0.76 2.78 -23.75
C TYR A 327 -0.71 3.04 -25.26
N ARG A 328 -1.82 2.78 -25.94
CA ARG A 328 -1.91 2.96 -27.40
C ARG A 328 -2.19 4.41 -27.80
N SER A 329 -2.48 5.26 -26.81
CA SER A 329 -2.81 6.67 -27.05
C SER A 329 -1.64 7.44 -27.65
N SER A 330 -1.91 8.17 -28.72
CA SER A 330 -0.89 8.96 -29.43
C SER A 330 -1.09 10.47 -29.23
N ARG A 331 -1.77 10.83 -28.14
CA ARG A 331 -2.04 12.23 -27.82
C ARG A 331 -0.80 12.96 -27.31
N PRO A 332 -0.69 14.27 -27.60
CA PRO A 332 0.43 15.08 -27.11
C PRO A 332 0.51 15.10 -25.58
N LEU A 333 1.72 14.96 -25.06
CA LEU A 333 1.95 14.90 -23.61
C LEU A 333 2.71 16.13 -23.12
N ARG A 334 2.31 16.62 -21.94
CA ARG A 334 3.03 17.68 -21.25
C ARG A 334 4.17 17.05 -20.45
N VAL A 335 5.39 17.21 -20.94
CA VAL A 335 6.56 16.52 -20.40
C VAL A 335 7.45 17.45 -19.58
N GLY A 336 7.68 17.09 -18.33
CA GLY A 336 8.63 17.79 -17.47
C GLY A 336 10.01 17.20 -17.63
N TYR A 337 11.04 18.05 -17.58
CA TYR A 337 12.42 17.60 -17.79
C TYR A 337 13.42 18.45 -17.00
N TYR A 338 14.57 17.84 -16.69
CA TYR A 338 15.70 18.55 -16.11
C TYR A 338 17.03 17.93 -16.55
N GLU A 339 18.01 18.78 -16.84
CA GLU A 339 19.33 18.33 -17.28
C GLU A 339 20.13 17.74 -16.13
N THR A 340 19.92 18.28 -14.93
CA THR A 340 20.63 17.84 -13.73
C THR A 340 19.72 17.91 -12.49
N ASP A 341 19.99 17.04 -11.52
CA ASP A 341 19.23 17.02 -10.27
C ASP A 341 19.90 17.85 -9.16
N ASN A 342 21.00 18.50 -9.52
CA ASN A 342 21.80 19.33 -8.59
C ASN A 342 22.34 18.56 -7.38
N TYR A 343 22.56 17.26 -7.57
CA TYR A 343 23.11 16.39 -6.52
C TYR A 343 24.29 15.61 -7.08
N THR A 344 24.02 14.80 -8.11
CA THR A 344 25.06 14.09 -8.83
C THR A 344 25.20 14.71 -10.22
N MET A 345 26.42 15.15 -10.55
CA MET A 345 26.67 15.78 -11.84
C MET A 345 26.57 14.76 -12.97
N PRO A 346 25.73 15.05 -13.97
CA PRO A 346 25.61 14.15 -15.13
C PRO A 346 26.85 14.20 -16.01
N SER A 347 27.23 13.05 -16.55
CA SER A 347 28.34 12.95 -17.49
C SER A 347 27.96 13.66 -18.80
N PRO A 348 28.98 14.10 -19.58
CA PRO A 348 28.71 14.70 -20.89
C PRO A 348 27.82 13.83 -21.79
N ALA A 349 27.91 12.52 -21.60
CA ALA A 349 27.05 11.56 -22.32
C ALA A 349 25.60 11.61 -21.83
N MET A 350 25.42 11.80 -20.53
CA MET A 350 24.09 11.93 -19.92
C MET A 350 23.42 13.24 -20.30
N ARG A 351 24.20 14.32 -20.30
CA ARG A 351 23.73 15.65 -20.67
C ARG A 351 23.26 15.66 -22.12
N ARG A 352 24.07 15.08 -23.01
CA ARG A 352 23.77 15.02 -24.43
C ARG A 352 22.54 14.15 -24.72
N ALA A 353 22.42 13.04 -24.00
CA ALA A 353 21.30 12.11 -24.16
C ALA A 353 19.97 12.74 -23.76
N LEU A 354 19.99 13.52 -22.68
CA LEU A 354 18.79 14.18 -22.15
C LEU A 354 18.29 15.29 -23.08
N ILE A 355 19.23 16.07 -23.62
CA ILE A 355 18.90 17.18 -24.52
C ILE A 355 18.39 16.68 -25.87
N GLU A 356 19.06 15.66 -26.42
CA GLU A 356 18.68 15.09 -27.72
C GLU A 356 17.27 14.50 -27.73
N THR A 357 16.90 13.81 -26.66
CA THR A 357 15.55 13.24 -26.55
C THR A 357 14.49 14.30 -26.24
N LYS A 358 14.92 15.38 -25.58
CA LYS A 358 14.04 16.51 -25.25
C LYS A 358 13.64 17.28 -26.51
N GLN A 359 14.62 17.52 -27.39
CA GLN A 359 14.41 18.28 -28.61
C GLN A 359 13.58 17.54 -29.65
N ARG A 360 13.75 16.22 -29.72
CA ARG A 360 13.03 15.39 -30.69
C ARG A 360 11.58 15.13 -30.28
N LEU A 361 11.30 15.26 -28.98
CA LEU A 361 9.93 15.21 -28.48
C LEU A 361 9.17 16.49 -28.83
N GLU A 362 9.90 17.61 -28.81
CA GLU A 362 9.34 18.91 -29.21
C GLU A 362 9.00 18.95 -30.69
N ALA A 363 9.81 18.26 -31.50
CA ALA A 363 9.58 18.16 -32.94
C ALA A 363 8.37 17.27 -33.26
N ALA A 364 8.08 16.33 -32.37
CA ALA A 364 6.94 15.42 -32.53
C ALA A 364 5.60 16.10 -32.26
N GLY A 365 5.62 17.11 -31.39
CA GLY A 365 4.42 17.86 -31.04
C GLY A 365 4.15 17.96 -29.56
N HIS A 366 5.09 17.46 -28.75
CA HIS A 366 4.98 17.48 -27.30
C HIS A 366 5.54 18.78 -26.73
N THR A 367 4.89 19.30 -25.70
CA THR A 367 5.37 20.51 -25.01
C THR A 367 6.27 20.15 -23.82
N LEU A 368 7.51 20.62 -23.88
CA LEU A 368 8.50 20.34 -22.84
C LEU A 368 8.63 21.49 -21.85
N ILE A 369 8.42 21.19 -20.58
CA ILE A 369 8.44 22.19 -19.51
C ILE A 369 9.60 21.94 -18.55
N PRO A 370 10.43 22.97 -18.28
CA PRO A 370 11.51 22.85 -17.30
C PRO A 370 10.96 22.58 -15.90
N PHE A 371 11.17 21.36 -15.42
CA PHE A 371 10.62 20.92 -14.14
C PHE A 371 11.67 20.20 -13.30
N LEU A 372 11.72 20.51 -12.01
CA LEU A 372 12.62 19.87 -11.07
C LEU A 372 11.89 19.60 -9.75
N PRO A 373 11.94 18.36 -9.25
CA PRO A 373 11.35 18.01 -7.95
C PRO A 373 12.02 18.77 -6.81
N ASN A 374 11.21 19.27 -5.88
CA ASN A 374 11.71 20.05 -4.75
C ASN A 374 12.41 19.19 -3.71
N ASN A 375 13.48 19.74 -3.13
CA ASN A 375 14.24 19.10 -2.05
C ASN A 375 14.66 17.65 -2.35
N ILE A 376 15.46 17.49 -3.41
CA ILE A 376 15.98 16.17 -3.79
C ILE A 376 16.98 15.62 -2.76
N PRO A 377 17.95 16.45 -2.30
CA PRO A 377 18.87 15.98 -1.26
C PRO A 377 18.16 15.47 0.00
N TYR A 378 17.00 16.05 0.30
CA TYR A 378 16.17 15.63 1.43
C TYR A 378 15.62 14.21 1.25
N ALA A 379 15.26 13.86 0.02
CA ALA A 379 14.69 12.56 -0.29
C ALA A 379 15.72 11.43 -0.26
N LEU A 380 16.97 11.75 -0.57
CA LEU A 380 18.03 10.75 -0.69
C LEU A 380 18.80 10.57 0.61
N GLU A 381 19.18 11.70 1.23
CA GLU A 381 20.06 11.70 2.40
C GLU A 381 19.39 11.22 3.68
N VAL A 382 18.13 11.61 3.89
CA VAL A 382 17.45 11.29 5.15
C VAL A 382 16.20 10.40 4.99
N LEU A 383 15.56 10.46 3.83
CA LEU A 383 14.35 9.66 3.58
C LEU A 383 14.67 8.28 3.03
N SER A 384 15.50 8.22 2.00
CA SER A 384 15.88 6.95 1.37
C SER A 384 16.91 6.19 2.21
N ALA A 385 17.96 6.88 2.64
CA ALA A 385 19.01 6.31 3.48
C ALA A 385 18.50 6.01 4.89
N GLY A 386 17.59 6.84 5.39
CA GLY A 386 16.99 6.65 6.69
C GLY A 386 15.94 5.56 6.70
N GLY A 387 15.23 5.42 5.58
CA GLY A 387 14.20 4.40 5.43
C GLY A 387 14.75 3.00 5.27
N LEU A 388 15.81 2.86 4.47
CA LEU A 388 16.46 1.57 4.22
C LEU A 388 17.32 1.12 5.39
N PHE A 389 17.83 2.08 6.17
CA PHE A 389 18.71 1.78 7.31
C PHE A 389 18.19 2.41 8.60
N SER A 390 16.93 2.12 8.93
CA SER A 390 16.30 2.63 10.14
C SER A 390 16.88 1.99 11.39
N ASP A 391 17.21 0.70 11.30
CA ASP A 391 17.79 -0.04 12.41
C ASP A 391 19.32 0.08 12.45
N GLY A 392 19.87 0.87 11.54
CA GLY A 392 21.31 1.00 11.38
C GLY A 392 21.90 -0.19 10.64
N GLY A 393 21.05 -0.87 9.88
CA GLY A 393 21.44 -2.06 9.12
C GLY A 393 21.68 -3.29 9.97
N ARG A 394 21.05 -3.33 11.15
CA ARG A 394 21.24 -4.42 12.10
C ARG A 394 20.67 -5.75 11.60
N SER A 395 19.49 -5.69 10.99
CA SER A 395 18.87 -6.87 10.36
C SER A 395 19.58 -7.22 9.05
N PHE A 396 20.18 -6.20 8.42
CA PHE A 396 20.93 -6.38 7.19
C PHE A 396 22.26 -7.10 7.42
N LEU A 397 22.94 -6.74 8.51
CA LEU A 397 24.25 -7.32 8.84
C LEU A 397 24.15 -8.73 9.41
N GLN A 398 22.93 -9.17 9.68
CA GLN A 398 22.67 -10.52 10.19
C GLN A 398 23.03 -11.58 9.14
N ASN A 399 22.89 -11.21 7.87
CA ASN A 399 23.21 -12.10 6.75
C ASN A 399 24.71 -12.24 6.49
N PHE A 400 25.48 -11.27 6.95
CA PHE A 400 26.93 -11.24 6.72
C PHE A 400 27.74 -11.86 7.85
N LYS A 401 27.05 -12.48 8.81
CA LYS A 401 27.71 -13.12 9.95
C LYS A 401 28.38 -14.43 9.53
N GLY A 402 29.71 -14.43 9.58
CA GLY A 402 30.51 -15.59 9.17
C GLY A 402 30.53 -15.81 7.67
N ASP A 403 30.44 -14.72 6.92
CA ASP A 403 30.42 -14.77 5.46
C ASP A 403 31.39 -13.74 4.86
N PHE A 404 31.86 -14.02 3.64
CA PHE A 404 32.77 -13.13 2.92
C PHE A 404 32.09 -11.80 2.55
N VAL A 405 32.88 -10.74 2.51
CA VAL A 405 32.42 -9.45 2.04
C VAL A 405 33.00 -9.17 0.65
N ASP A 406 32.12 -9.08 -0.35
CA ASP A 406 32.53 -8.87 -1.73
C ASP A 406 33.00 -7.42 -1.95
N PRO A 407 34.14 -7.26 -2.64
CA PRO A 407 34.74 -5.94 -2.93
C PRO A 407 33.83 -4.98 -3.70
N CYS A 408 32.78 -5.50 -4.35
CA CYS A 408 31.86 -4.67 -5.12
C CYS A 408 30.94 -3.81 -4.24
N LEU A 409 30.76 -4.23 -2.99
CA LEU A 409 29.98 -3.47 -2.01
C LEU A 409 30.80 -2.33 -1.41
N GLY A 410 32.13 -2.48 -1.44
CA GLY A 410 33.04 -1.45 -0.94
C GLY A 410 33.14 -1.44 0.58
N ASP A 411 33.02 -0.25 1.16
CA ASP A 411 33.12 -0.07 2.60
C ASP A 411 31.76 -0.09 3.29
N LEU A 412 30.71 -0.36 2.52
CA LEU A 412 29.32 -0.36 3.00
C LEU A 412 29.11 -1.20 4.26
N ILE A 413 29.73 -2.37 4.30
CA ILE A 413 29.60 -3.29 5.44
C ILE A 413 30.36 -2.79 6.67
N LEU A 414 31.59 -2.30 6.45
CA LEU A 414 32.44 -1.79 7.53
C LEU A 414 31.88 -0.52 8.16
N ILE A 415 31.17 0.28 7.36
CA ILE A 415 30.52 1.50 7.83
C ILE A 415 29.30 1.18 8.70
N LEU A 416 28.50 0.21 8.27
CA LEU A 416 27.28 -0.21 8.99
C LEU A 416 27.55 -0.87 10.33
N ARG A 417 28.67 -1.60 10.43
CA ARG A 417 29.03 -2.33 11.64
C ARG A 417 29.45 -1.43 12.81
N LEU A 418 29.80 -0.18 12.49
CA LEU A 418 30.20 0.81 13.49
C LEU A 418 29.06 1.14 14.46
N PRO A 419 29.39 1.38 15.73
CA PRO A 419 28.38 1.73 16.74
C PRO A 419 27.71 3.09 16.47
N SER A 420 26.56 3.32 17.11
CA SER A 420 25.75 4.51 16.88
C SER A 420 26.47 5.82 17.24
N TRP A 421 27.27 5.78 18.30
CA TRP A 421 28.02 6.96 18.75
C TRP A 421 29.16 7.31 17.80
N PHE A 422 29.77 6.30 17.18
CA PHE A 422 30.87 6.49 16.24
C PHE A 422 30.36 7.01 14.90
N LYS A 423 29.13 6.64 14.54
CA LYS A 423 28.47 7.14 13.35
C LYS A 423 28.07 8.60 13.52
N ARG A 424 27.68 8.96 14.74
CA ARG A 424 27.29 10.33 15.09
C ARG A 424 28.51 11.25 15.17
N LEU A 425 29.59 10.75 15.76
CA LEU A 425 30.82 11.53 15.94
C LEU A 425 31.42 11.98 14.59
N LEU A 426 31.48 11.05 13.64
CA LEU A 426 32.00 11.36 12.30
C LEU A 426 31.04 12.24 11.49
N SER A 427 29.75 12.13 11.79
CA SER A 427 28.72 12.94 11.12
C SER A 427 28.90 14.43 11.42
N LEU A 428 29.21 14.74 12.67
CA LEU A 428 29.46 16.13 13.10
C LEU A 428 30.80 16.66 12.58
N LEU A 429 31.79 15.77 12.50
CA LEU A 429 33.12 16.12 12.01
C LEU A 429 33.17 16.36 10.51
N LEU A 430 32.42 15.55 9.75
CA LEU A 430 32.42 15.62 8.29
C LEU A 430 31.41 16.61 7.72
N LYS A 431 30.50 17.11 8.56
CA LYS A 431 29.45 18.03 8.12
C LYS A 431 29.95 19.34 7.48
N PRO A 432 30.97 20.01 8.08
CA PRO A 432 31.47 21.25 7.48
C PRO A 432 32.20 21.04 6.15
N LEU A 433 32.86 19.89 5.99
CA LEU A 433 33.67 19.61 4.80
C LEU A 433 32.93 18.82 3.72
N PHE A 434 32.37 17.67 4.11
CA PHE A 434 31.65 16.80 3.18
C PHE A 434 30.20 16.60 3.64
N PRO A 435 29.30 17.48 3.19
CA PRO A 435 27.89 17.49 3.64
C PRO A 435 27.09 16.24 3.27
N ARG A 436 27.44 15.60 2.15
CA ARG A 436 26.72 14.41 1.68
C ARG A 436 26.98 13.18 2.55
N LEU A 437 28.24 13.01 2.98
CA LEU A 437 28.64 11.88 3.82
C LEU A 437 28.09 12.00 5.25
N ALA A 438 27.92 13.23 5.71
CA ALA A 438 27.42 13.51 7.06
C ALA A 438 25.97 13.09 7.23
N ALA A 439 25.13 13.47 6.27
CA ALA A 439 23.69 13.18 6.32
C ALA A 439 23.38 11.71 6.05
N PHE A 440 24.17 11.07 5.20
CA PHE A 440 24.03 9.65 4.90
C PHE A 440 24.42 8.75 6.07
N LEU A 441 25.51 9.11 6.74
CA LEU A 441 26.00 8.35 7.89
C LEU A 441 25.09 8.49 9.11
N ASN A 442 24.51 9.68 9.28
CA ASN A 442 23.59 9.95 10.39
C ASN A 442 22.24 9.24 10.22
N SER A 443 21.82 9.06 8.97
CA SER A 443 20.57 8.38 8.65
C SER A 443 20.71 6.86 8.71
N MET A 444 21.96 6.39 8.70
CA MET A 444 22.27 4.96 8.84
C MET A 444 22.47 4.58 10.31
N ARG A 445 21.74 5.26 11.20
CA ARG A 445 21.79 5.02 12.64
C ARG A 445 20.50 4.39 13.14
N PRO A 446 20.59 3.52 14.17
CA PRO A 446 19.39 2.93 14.76
C PRO A 446 18.56 3.95 15.54
N ARG A 447 17.26 4.00 15.24
CA ARG A 447 16.33 4.89 15.93
C ARG A 447 15.15 4.12 16.56
N SER A 448 14.31 4.83 17.29
CA SER A 448 13.15 4.23 17.95
C SER A 448 11.97 4.05 16.98
N ALA A 449 10.93 3.39 17.47
CA ALA A 449 9.70 3.19 16.70
C ALA A 449 8.94 4.51 16.49
N GLU A 450 9.15 5.44 17.43
CA GLU A 450 8.58 6.78 17.35
C GLU A 450 9.17 7.56 16.17
N LYS A 451 10.49 7.45 16.00
CA LYS A 451 11.20 8.15 14.93
C LYS A 451 10.99 7.52 13.56
N LEU A 452 10.60 6.26 13.54
CA LEU A 452 10.27 5.56 12.29
C LEU A 452 8.94 6.06 11.75
N TRP A 453 7.96 6.26 12.65
CA TRP A 453 6.65 6.80 12.27
C TRP A 453 6.74 8.22 11.75
N LYS A 454 7.60 9.02 12.38
CA LYS A 454 7.85 10.40 11.94
C LYS A 454 8.48 10.40 10.55
N LEU A 455 9.41 9.46 10.33
CA LEU A 455 10.07 9.30 9.04
C LEU A 455 9.11 8.82 7.95
N GLN A 456 8.28 7.83 8.31
CA GLN A 456 7.31 7.26 7.38
C GLN A 456 6.22 8.27 7.00
N HIS A 457 5.91 9.17 7.93
CA HIS A 457 4.98 10.26 7.66
C HIS A 457 5.62 11.34 6.79
N GLU A 458 6.92 11.56 7.00
CA GLU A 458 7.69 12.52 6.20
C GLU A 458 7.85 12.07 4.74
N ILE A 459 7.77 10.76 4.50
CA ILE A 459 7.84 10.19 3.17
C ILE A 459 6.51 10.39 2.41
N GLU A 460 5.39 10.14 3.09
CA GLU A 460 4.07 10.32 2.49
C GLU A 460 3.67 11.79 2.34
N MET A 461 4.29 12.66 3.14
CA MET A 461 4.14 14.11 2.98
C MET A 461 4.94 14.60 1.78
N TYR A 462 6.14 14.04 1.61
CA TYR A 462 7.00 14.35 0.46
C TYR A 462 6.41 13.80 -0.83
N ARG A 463 5.72 12.67 -0.72
CA ARG A 463 5.02 12.07 -1.86
C ARG A 463 3.89 12.98 -2.33
N GLN A 464 3.20 13.61 -1.36
CA GLN A 464 2.13 14.55 -1.65
CA GLN A 464 2.13 14.55 -1.65
C GLN A 464 2.68 15.88 -2.15
N SER A 465 3.93 16.17 -1.77
CA SER A 465 4.62 17.41 -2.16
C SER A 465 4.94 17.46 -3.65
N VAL A 466 5.58 16.40 -4.16
CA VAL A 466 5.96 16.32 -5.57
C VAL A 466 4.72 16.15 -6.46
N ILE A 467 3.70 15.49 -5.92
CA ILE A 467 2.40 15.36 -6.59
C ILE A 467 1.71 16.73 -6.75
N ALA A 468 1.81 17.57 -5.71
CA ALA A 468 1.29 18.94 -5.75
C ALA A 468 2.07 19.80 -6.73
N GLN A 469 3.38 19.56 -6.82
CA GLN A 469 4.25 20.26 -7.76
C GLN A 469 3.99 19.76 -9.18
N TRP A 470 3.60 18.50 -9.31
CA TRP A 470 3.24 17.88 -10.59
C TRP A 470 2.00 18.56 -11.18
N LYS A 471 1.01 18.83 -10.34
CA LYS A 471 -0.24 19.47 -10.75
C LYS A 471 -0.06 20.96 -11.04
N ALA A 472 0.86 21.59 -10.33
CA ALA A 472 1.14 23.02 -10.46
C ALA A 472 1.60 23.39 -11.88
N MET A 473 2.39 22.50 -12.48
CA MET A 473 2.82 22.67 -13.87
C MET A 473 1.95 21.82 -14.81
N ASN A 474 1.00 21.09 -14.22
CA ASN A 474 0.05 20.24 -14.94
C ASN A 474 0.71 19.23 -15.88
N LEU A 475 1.65 18.46 -15.32
CA LEU A 475 2.43 17.50 -16.11
C LEU A 475 1.67 16.22 -16.38
N ASP A 476 2.04 15.55 -17.47
CA ASP A 476 1.53 14.23 -17.79
C ASP A 476 2.59 13.17 -17.46
N VAL A 477 3.85 13.50 -17.75
CA VAL A 477 4.97 12.58 -17.57
C VAL A 477 6.27 13.36 -17.30
N LEU A 478 7.27 12.68 -16.74
CA LEU A 478 8.55 13.31 -16.38
C LEU A 478 9.73 12.66 -17.09
N LEU A 479 10.71 13.49 -17.47
CA LEU A 479 11.92 13.03 -18.15
C LEU A 479 13.15 13.28 -17.28
N THR A 480 13.89 12.21 -16.99
CA THR A 480 15.05 12.25 -16.09
C THR A 480 16.29 11.69 -16.78
N PRO A 481 17.44 12.38 -16.65
CA PRO A 481 18.68 11.83 -17.21
C PRO A 481 19.18 10.63 -16.39
N MET A 482 19.07 9.44 -16.97
CA MET A 482 19.46 8.20 -16.30
C MET A 482 20.98 8.08 -16.17
N LEU A 483 21.43 7.56 -15.02
CA LEU A 483 22.86 7.40 -14.73
C LEU A 483 23.58 6.56 -15.78
N GLY A 484 24.55 7.19 -16.46
CA GLY A 484 25.31 6.55 -17.51
C GLY A 484 26.63 7.24 -17.79
N PRO A 485 27.57 6.52 -18.45
CA PRO A 485 27.43 5.16 -18.93
C PRO A 485 27.84 4.13 -17.87
N ALA A 486 28.16 2.91 -18.31
CA ALA A 486 28.56 1.84 -17.41
C ALA A 486 29.81 2.19 -16.60
N LEU A 487 29.75 1.97 -15.30
CA LEU A 487 30.87 2.21 -14.39
C LEU A 487 31.87 1.07 -14.47
N ASP A 488 33.07 1.28 -13.92
CA ASP A 488 34.09 0.25 -13.85
C ASP A 488 33.77 -0.80 -12.78
N LEU A 489 34.50 -1.91 -12.80
CA LEU A 489 34.34 -2.98 -11.82
C LEU A 489 34.70 -2.52 -10.41
N ASN A 490 33.89 -2.94 -9.44
CA ASN A 490 34.08 -2.64 -8.02
C ASN A 490 34.09 -1.15 -7.63
N THR A 491 33.47 -0.33 -8.48
CA THR A 491 33.38 1.11 -8.24
C THR A 491 31.98 1.61 -7.83
N PRO A 492 30.90 0.92 -8.27
CA PRO A 492 29.55 1.34 -7.89
C PRO A 492 29.30 1.38 -6.38
N GLY A 493 29.86 0.43 -5.65
CA GLY A 493 29.74 0.38 -4.19
C GLY A 493 30.47 1.50 -3.48
N ARG A 494 31.41 2.13 -4.19
CA ARG A 494 32.18 3.25 -3.65
C ARG A 494 31.66 4.59 -4.16
N ALA A 495 30.75 4.55 -5.12
CA ALA A 495 30.09 5.74 -5.64
C ALA A 495 28.60 5.70 -5.28
N THR A 496 28.31 5.96 -4.01
CA THR A 496 26.95 5.84 -3.45
C THR A 496 26.00 6.89 -4.02
N GLY A 497 26.45 8.13 -4.13
CA GLY A 497 25.62 9.25 -4.58
C GLY A 497 25.03 9.14 -5.96
N ALA A 498 25.49 8.16 -6.74
CA ALA A 498 25.03 7.94 -8.12
C ALA A 498 23.59 7.45 -8.23
N ILE A 499 23.04 6.94 -7.13
CA ILE A 499 21.67 6.42 -7.10
C ILE A 499 20.62 7.54 -7.01
N SER A 500 21.08 8.80 -7.04
CA SER A 500 20.22 9.98 -6.88
C SER A 500 19.11 10.09 -7.93
N TYR A 501 19.35 9.57 -9.12
CA TYR A 501 18.38 9.63 -10.22
C TYR A 501 17.37 8.48 -10.18
N THR A 502 17.63 7.48 -9.35
CA THR A 502 16.81 6.27 -9.33
C THR A 502 16.07 6.03 -8.01
N VAL A 503 16.78 6.17 -6.89
CA VAL A 503 16.21 5.91 -5.56
C VAL A 503 15.18 6.97 -5.16
N LEU A 504 15.23 8.12 -5.83
CA LEU A 504 14.28 9.21 -5.62
C LEU A 504 12.83 8.77 -5.86
N TYR A 505 12.64 7.91 -6.86
CA TYR A 505 11.30 7.46 -7.25
C TYR A 505 10.90 6.13 -6.62
N ASN A 506 11.80 5.58 -5.80
CA ASN A 506 11.47 4.48 -4.90
C ASN A 506 10.92 5.02 -3.59
N CYS A 507 11.49 6.15 -3.16
CA CYS A 507 11.02 6.89 -2.01
C CYS A 507 9.66 7.52 -2.31
N LEU A 508 9.52 8.02 -3.54
CA LEU A 508 8.27 8.61 -4.01
C LEU A 508 7.24 7.57 -4.46
N ASP A 509 7.71 6.35 -4.71
CA ASP A 509 6.89 5.26 -5.25
C ASP A 509 6.24 5.65 -6.59
N PHE A 510 7.04 6.30 -7.43
CA PHE A 510 6.63 6.67 -8.78
C PHE A 510 7.12 5.62 -9.77
N PRO A 511 6.23 5.13 -10.65
CA PRO A 511 6.64 4.18 -11.68
C PRO A 511 7.62 4.81 -12.67
N ALA A 512 8.84 4.29 -12.69
CA ALA A 512 9.90 4.82 -13.54
C ALA A 512 10.45 3.75 -14.48
N GLY A 513 10.67 4.13 -15.74
CA GLY A 513 11.22 3.22 -16.74
C GLY A 513 12.49 3.76 -17.38
N VAL A 514 13.21 2.88 -18.06
CA VAL A 514 14.48 3.23 -18.71
C VAL A 514 14.53 2.70 -20.14
N VAL A 515 14.93 3.57 -21.07
CA VAL A 515 15.01 3.22 -22.49
C VAL A 515 16.28 3.82 -23.12
N PRO A 516 17.08 2.97 -23.81
CA PRO A 516 18.31 3.42 -24.48
C PRO A 516 18.03 4.41 -25.60
N VAL A 517 18.86 5.44 -25.71
CA VAL A 517 18.67 6.50 -26.70
C VAL A 517 19.88 6.71 -27.62
N THR A 518 21.08 6.73 -27.04
CA THR A 518 22.32 6.98 -27.81
C THR A 518 23.54 6.35 -27.15
N THR A 519 24.61 6.19 -27.93
CA THR A 519 25.86 5.63 -27.45
C THR A 519 26.92 6.72 -27.24
N VAL A 520 27.93 6.41 -26.43
CA VAL A 520 29.00 7.35 -26.11
C VAL A 520 29.94 7.56 -27.29
N THR A 521 30.13 8.81 -27.68
CA THR A 521 31.07 9.19 -28.74
C THR A 521 32.44 9.50 -28.16
N ALA A 522 33.44 9.65 -29.03
CA ALA A 522 34.81 9.98 -28.62
C ALA A 522 34.91 11.35 -27.95
N GLU A 523 33.98 12.24 -28.28
CA GLU A 523 33.93 13.57 -27.70
C GLU A 523 33.38 13.54 -26.26
N ASP A 524 32.44 12.62 -26.01
CA ASP A 524 31.80 12.48 -24.70
C ASP A 524 32.78 12.02 -23.62
N ASP A 525 33.61 11.04 -23.96
CA ASP A 525 34.57 10.46 -23.02
C ASP A 525 35.76 11.40 -22.75
N ALA A 526 36.09 12.22 -23.75
CA ALA A 526 37.21 13.16 -23.66
C ALA A 526 36.90 14.34 -22.73
N GLN A 527 35.62 14.64 -22.55
CA GLN A 527 35.18 15.75 -21.71
C GLN A 527 35.10 15.39 -20.22
N MET A 528 35.51 14.17 -19.89
CA MET A 528 35.48 13.68 -18.51
C MET A 528 36.58 14.29 -17.64
N GLU A 529 37.58 14.91 -18.27
CA GLU A 529 38.63 15.63 -17.55
C GLU A 529 38.10 16.95 -16.98
N LEU A 530 37.05 17.48 -17.61
CA LEU A 530 36.39 18.70 -17.15
C LEU A 530 35.38 18.41 -16.03
N TYR A 531 34.99 17.14 -15.91
CA TYR A 531 34.05 16.69 -14.88
C TYR A 531 34.65 16.84 -13.48
N LYS A 532 33.88 17.45 -12.58
CA LYS A 532 34.34 17.69 -11.20
C LYS A 532 33.34 17.20 -10.16
N GLY A 533 32.08 17.59 -10.31
CA GLY A 533 31.04 17.24 -9.34
C GLY A 533 30.57 18.46 -8.56
N TYR A 534 29.35 18.38 -8.03
CA TYR A 534 28.75 19.51 -7.30
C TYR A 534 29.26 19.66 -5.86
N PHE A 535 29.81 18.57 -5.31
CA PHE A 535 30.25 18.55 -3.92
C PHE A 535 31.76 18.34 -3.78
N GLY A 536 32.34 17.55 -4.68
CA GLY A 536 33.79 17.32 -4.70
C GLY A 536 34.28 16.36 -3.64
N ASP A 537 33.40 15.52 -3.13
CA ASP A 537 33.78 14.47 -2.18
C ASP A 537 34.30 13.23 -2.91
N ILE A 538 34.56 12.15 -2.17
CA ILE A 538 35.15 10.93 -2.74
C ILE A 538 34.22 10.21 -3.71
N TRP A 539 32.91 10.43 -3.60
CA TRP A 539 31.93 9.84 -4.51
C TRP A 539 32.04 10.42 -5.92
N ASP A 540 32.31 11.72 -6.00
CA ASP A 540 32.48 12.41 -7.28
C ASP A 540 33.81 12.09 -7.95
N ILE A 541 34.82 11.80 -7.14
CA ILE A 541 36.16 11.48 -7.64
C ILE A 541 36.20 10.08 -8.28
N ILE A 542 35.61 9.10 -7.58
CA ILE A 542 35.56 7.71 -8.05
C ILE A 542 34.66 7.57 -9.29
N LEU A 543 33.52 8.27 -9.27
CA LEU A 543 32.57 8.27 -10.38
C LEU A 543 33.17 8.89 -11.64
N LYS A 544 34.03 9.89 -11.45
CA LYS A 544 34.78 10.52 -12.54
C LYS A 544 35.71 9.52 -13.21
N LYS A 545 36.40 8.73 -12.38
CA LYS A 545 37.35 7.73 -12.86
C LYS A 545 36.63 6.51 -13.46
N ALA A 546 35.47 6.19 -12.91
CA ALA A 546 34.71 5.00 -13.33
C ALA A 546 34.02 5.15 -14.69
N MET A 547 33.78 6.40 -15.09
CA MET A 547 33.11 6.68 -16.37
C MET A 547 34.08 7.01 -17.50
N LYS A 548 35.38 6.88 -17.22
CA LYS A 548 36.43 7.07 -18.22
C LYS A 548 36.56 5.83 -19.11
N ASN A 549 37.10 6.03 -20.32
CA ASN A 549 37.23 4.97 -21.33
C ASN A 549 35.90 4.27 -21.57
N SER A 550 34.92 5.03 -22.08
CA SER A 550 33.55 4.56 -22.23
C SER A 550 33.02 4.65 -23.66
N VAL A 551 33.91 4.89 -24.61
CA VAL A 551 33.54 5.04 -26.02
C VAL A 551 32.87 3.76 -26.55
N GLY A 552 31.63 3.92 -27.02
CA GLY A 552 30.86 2.79 -27.57
C GLY A 552 29.77 2.27 -26.67
N LEU A 553 29.84 2.62 -25.38
CA LEU A 553 28.86 2.18 -24.39
C LEU A 553 27.52 2.91 -24.54
N PRO A 554 26.41 2.18 -24.34
CA PRO A 554 25.07 2.77 -24.44
C PRO A 554 24.73 3.66 -23.24
N VAL A 555 23.97 4.73 -23.49
CA VAL A 555 23.46 5.62 -22.46
C VAL A 555 21.95 5.77 -22.62
N ALA A 556 21.22 5.58 -21.52
CA ALA A 556 19.76 5.60 -21.54
C ALA A 556 19.17 6.83 -20.84
N VAL A 557 17.85 7.00 -21.00
CA VAL A 557 17.11 8.08 -20.36
C VAL A 557 15.99 7.47 -19.49
N GLN A 558 15.60 8.19 -18.43
CA GLN A 558 14.59 7.71 -17.50
C GLN A 558 13.26 8.42 -17.69
N CYS A 559 12.17 7.64 -17.66
CA CYS A 559 10.82 8.16 -17.84
C CYS A 559 9.98 7.89 -16.60
N VAL A 560 9.41 8.95 -16.02
CA VAL A 560 8.67 8.85 -14.76
C VAL A 560 7.22 9.33 -14.90
N ALA A 561 6.28 8.48 -14.51
CA ALA A 561 4.87 8.84 -14.50
C ALA A 561 4.28 8.79 -13.08
N LEU A 562 3.07 9.33 -12.92
CA LEU A 562 2.38 9.36 -11.63
C LEU A 562 2.09 7.96 -11.07
N PRO A 563 1.99 7.83 -9.74
CA PRO A 563 1.73 6.54 -9.09
C PRO A 563 0.55 5.77 -9.69
N TRP A 564 0.74 4.47 -9.87
CA TRP A 564 -0.25 3.56 -10.44
C TRP A 564 -0.57 3.80 -11.92
N GLN A 565 0.23 4.63 -12.57
CA GLN A 565 0.06 4.96 -13.98
C GLN A 565 1.28 4.52 -14.81
N GLU A 566 1.66 3.25 -14.67
CA GLU A 566 2.79 2.69 -15.41
C GLU A 566 2.46 2.37 -16.86
N GLU A 567 1.17 2.27 -17.17
CA GLU A 567 0.70 2.11 -18.55
C GLU A 567 0.83 3.41 -19.34
N LEU A 568 0.78 4.53 -18.63
CA LEU A 568 1.06 5.85 -19.20
C LEU A 568 2.57 6.05 -19.35
N CYS A 569 3.32 5.48 -18.42
CA CYS A 569 4.79 5.52 -18.43
C CYS A 569 5.35 4.81 -19.66
N LEU A 570 4.80 3.63 -19.96
CA LEU A 570 5.22 2.85 -21.11
C LEU A 570 4.81 3.50 -22.44
N ARG A 571 3.69 4.22 -22.41
CA ARG A 571 3.22 4.99 -23.56
C ARG A 571 4.22 6.08 -23.93
N PHE A 572 4.78 6.74 -22.90
CA PHE A 572 5.81 7.75 -23.11
C PHE A 572 7.16 7.12 -23.47
N MET A 573 7.44 5.97 -22.86
CA MET A 573 8.65 5.19 -23.17
C MET A 573 8.66 4.72 -24.63
N ARG A 574 7.47 4.43 -25.15
CA ARG A 574 7.30 4.07 -26.56
C ARG A 574 7.57 5.27 -27.47
N GLU A 575 7.15 6.44 -27.03
CA GLU A 575 7.37 7.69 -27.77
C GLU A 575 8.84 8.07 -27.83
N VAL A 576 9.55 7.86 -26.72
CA VAL A 576 10.98 8.13 -26.64
C VAL A 576 11.77 7.16 -27.51
N GLU A 577 11.39 5.88 -27.47
CA GLU A 577 12.06 4.84 -28.25
C GLU A 577 11.87 5.04 -29.76
N GLN A 578 10.66 5.44 -30.16
CA GLN A 578 10.33 5.64 -31.57
C GLN A 578 11.06 6.84 -32.18
N LEU A 579 11.30 7.86 -31.37
CA LEU A 579 11.96 9.09 -31.82
C LEU A 579 13.49 9.01 -31.77
N MET A 580 14.02 8.08 -30.99
CA MET A 580 15.47 7.94 -30.83
C MET A 580 16.05 6.70 -31.52
N THR A 581 15.31 5.59 -31.46
CA THR A 581 15.68 4.35 -32.13
C THR A 581 14.48 3.74 -32.87
N PRO A 582 14.19 4.26 -34.09
CA PRO A 582 13.00 3.85 -34.84
C PRO A 582 13.06 2.42 -35.39
N GLN A 583 14.26 1.84 -35.39
CA GLN A 583 14.46 0.46 -35.85
C GLN A 583 13.90 -0.59 -34.88
N LYS A 584 13.72 -0.20 -33.63
CA LYS A 584 13.16 -1.10 -32.61
C LYS A 584 11.64 -1.28 -32.74
N GLN A 585 10.99 -0.38 -33.47
CA GLN A 585 9.55 -0.47 -33.71
C GLN A 585 9.25 -0.60 -35.20
N GLN B 43 -6.19 25.23 32.67
CA GLN B 43 -6.26 26.67 32.30
C GLN B 43 -6.50 26.86 30.80
N LYS B 44 -5.59 26.32 29.98
CA LYS B 44 -5.69 26.43 28.53
C LYS B 44 -6.79 25.51 27.99
N ALA B 45 -6.94 24.36 28.63
CA ALA B 45 -7.99 23.40 28.28
C ALA B 45 -9.37 23.91 28.65
N ARG B 46 -9.46 24.67 29.74
CA ARG B 46 -10.70 25.30 30.17
C ARG B 46 -11.15 26.39 29.20
N GLY B 47 -10.19 27.17 28.71
CA GLY B 47 -10.45 28.22 27.74
C GLY B 47 -10.82 27.69 26.37
N ALA B 48 -10.20 26.57 25.99
CA ALA B 48 -10.48 25.92 24.71
C ALA B 48 -11.86 25.28 24.68
N ALA B 49 -12.30 24.75 25.82
CA ALA B 49 -13.61 24.13 25.94
C ALA B 49 -14.74 25.16 25.92
N THR B 50 -14.52 26.30 26.57
CA THR B 50 -15.51 27.38 26.63
C THR B 50 -15.74 28.01 25.25
N ARG B 51 -14.67 28.19 24.50
CA ARG B 51 -14.74 28.77 23.16
C ARG B 51 -15.30 27.80 22.11
N ALA B 52 -15.13 26.51 22.36
CA ALA B 52 -15.69 25.47 21.48
C ALA B 52 -17.19 25.34 21.66
N ARG B 53 -17.66 25.53 22.88
CA ARG B 53 -19.09 25.49 23.20
C ARG B 53 -19.82 26.72 22.65
N GLN B 54 -19.11 27.85 22.56
CA GLN B 54 -19.64 29.06 21.95
C GLN B 54 -19.82 28.89 20.44
N LYS B 55 -18.89 28.14 19.82
CA LYS B 55 -18.97 27.81 18.40
C LYS B 55 -20.12 26.84 18.12
N GLN B 56 -20.34 25.91 19.04
CA GLN B 56 -21.43 24.93 18.93
C GLN B 56 -22.80 25.58 19.10
N ARG B 57 -22.90 26.50 20.06
CA ARG B 57 -24.13 27.27 20.30
C ARG B 57 -24.48 28.14 19.09
N ALA B 58 -23.47 28.78 18.51
CA ALA B 58 -23.65 29.61 17.32
C ALA B 58 -24.01 28.78 16.10
N SER B 59 -23.51 27.53 16.05
CA SER B 59 -23.82 26.61 14.98
C SER B 59 -25.28 26.17 15.02
N LEU B 60 -25.75 25.79 16.20
CA LEU B 60 -27.14 25.36 16.40
C LEU B 60 -28.15 26.48 16.20
N GLU B 61 -27.76 27.71 16.57
CA GLU B 61 -28.61 28.88 16.38
C GLU B 61 -28.73 29.27 14.91
N THR B 62 -27.66 29.07 14.15
CA THR B 62 -27.65 29.30 12.70
C THR B 62 -28.49 28.23 12.00
N MET B 63 -28.44 27.00 12.52
CA MET B 63 -29.21 25.88 11.98
C MET B 63 -30.71 26.05 12.21
N ASP B 64 -31.08 26.51 13.40
CA ASP B 64 -32.48 26.68 13.78
C ASP B 64 -33.15 27.85 13.05
N LYS B 65 -32.39 28.92 12.84
CA LYS B 65 -32.90 30.11 12.14
C LYS B 65 -32.97 29.91 10.63
N ALA B 66 -32.21 28.95 10.12
CA ALA B 66 -32.20 28.62 8.69
C ALA B 66 -33.36 27.72 8.29
N VAL B 67 -33.69 26.76 9.15
CA VAL B 67 -34.78 25.81 8.89
C VAL B 67 -36.16 26.44 9.07
N GLN B 68 -36.27 27.34 10.04
CA GLN B 68 -37.52 28.09 10.27
C GLN B 68 -37.76 29.08 9.14
N ARG B 69 -36.66 29.55 8.53
CA ARG B 69 -36.72 30.43 7.36
C ARG B 69 -37.24 29.67 6.13
N PHE B 70 -36.92 28.38 6.06
CA PHE B 70 -37.33 27.54 4.94
C PHE B 70 -38.73 26.94 5.12
N ARG B 71 -39.03 26.51 6.35
CA ARG B 71 -40.32 25.88 6.66
C ARG B 71 -41.50 26.84 6.52
N LEU B 72 -41.30 28.08 6.93
CA LEU B 72 -42.33 29.11 6.84
C LEU B 72 -42.52 29.60 5.41
N GLN B 73 -41.43 29.63 4.63
CA GLN B 73 -41.48 30.02 3.23
C GLN B 73 -42.02 28.89 2.35
N ASN B 74 -41.77 27.65 2.79
CA ASN B 74 -42.28 26.46 2.08
C ASN B 74 -43.13 25.56 2.98
N PRO B 75 -44.41 25.93 3.20
CA PRO B 75 -45.29 25.09 4.00
C PRO B 75 -45.92 23.94 3.20
N ASP B 76 -45.81 24.01 1.88
CA ASP B 76 -46.37 23.02 0.97
C ASP B 76 -45.58 21.71 0.99
N LEU B 77 -44.29 21.81 1.29
CA LEU B 77 -43.38 20.66 1.30
C LEU B 77 -43.70 19.70 2.44
N ASP B 78 -43.76 18.41 2.10
CA ASP B 78 -44.01 17.36 3.09
C ASP B 78 -42.68 16.83 3.64
N SER B 79 -42.42 17.11 4.91
CA SER B 79 -41.18 16.73 5.57
C SER B 79 -41.12 15.25 5.92
N GLU B 80 -42.28 14.67 6.22
CA GLU B 80 -42.37 13.26 6.63
C GLU B 80 -42.04 12.30 5.48
N ALA B 81 -42.57 12.58 4.30
CA ALA B 81 -42.32 11.76 3.11
C ALA B 81 -40.90 11.95 2.58
N LEU B 82 -40.30 13.10 2.91
CA LEU B 82 -38.94 13.44 2.50
C LEU B 82 -37.92 12.57 3.25
N LEU B 83 -38.09 12.48 4.57
CA LEU B 83 -37.14 11.79 5.44
C LEU B 83 -37.24 10.27 5.35
N THR B 84 -38.45 9.76 5.17
CA THR B 84 -38.69 8.32 5.06
C THR B 84 -38.20 7.75 3.72
N LEU B 85 -38.04 8.62 2.74
CA LEU B 85 -37.58 8.26 1.40
C LEU B 85 -36.11 7.82 1.43
N PRO B 86 -35.83 6.60 0.93
CA PRO B 86 -34.46 6.08 0.83
C PRO B 86 -33.59 6.90 -0.12
N LEU B 87 -32.27 6.84 0.07
CA LEU B 87 -31.33 7.66 -0.70
C LEU B 87 -31.39 7.39 -2.21
N LEU B 88 -31.62 6.13 -2.58
CA LEU B 88 -31.76 5.74 -3.99
C LEU B 88 -33.00 6.33 -4.63
N GLN B 89 -34.07 6.45 -3.86
CA GLN B 89 -35.29 7.10 -4.32
C GLN B 89 -35.18 8.62 -4.20
N LEU B 90 -34.24 9.08 -3.37
CA LEU B 90 -33.99 10.50 -3.16
C LEU B 90 -33.18 11.11 -4.32
N VAL B 91 -32.18 10.37 -4.79
CA VAL B 91 -31.29 10.85 -5.86
C VAL B 91 -31.97 10.91 -7.23
N GLN B 92 -32.92 10.00 -7.47
CA GLN B 92 -33.64 9.94 -8.75
C GLN B 92 -34.69 11.04 -8.86
N LYS B 93 -35.23 11.47 -7.72
CA LYS B 93 -36.17 12.59 -7.68
C LYS B 93 -35.44 13.92 -7.77
N LEU B 94 -34.17 13.92 -7.35
CA LEU B 94 -33.29 15.09 -7.47
C LEU B 94 -32.72 15.23 -8.88
N GLN B 95 -32.53 14.10 -9.55
CA GLN B 95 -32.02 14.06 -10.92
C GLN B 95 -33.10 14.50 -11.91
N SER B 96 -34.33 14.04 -11.68
CA SER B 96 -35.46 14.38 -12.54
C SER B 96 -35.95 15.80 -12.29
N GLY B 97 -35.97 16.21 -11.03
CA GLY B 97 -36.40 17.55 -10.64
C GLY B 97 -37.70 17.57 -9.86
N GLU B 98 -38.11 16.41 -9.35
CA GLU B 98 -39.32 16.29 -8.53
C GLU B 98 -39.10 16.95 -7.16
N LEU B 99 -37.90 16.77 -6.62
CA LEU B 99 -37.51 17.42 -5.37
C LEU B 99 -36.32 18.34 -5.61
N SER B 100 -36.47 19.60 -5.22
CA SER B 100 -35.40 20.60 -5.37
C SER B 100 -34.29 20.38 -4.34
N PRO B 101 -33.03 20.72 -4.70
CA PRO B 101 -31.90 20.62 -3.78
C PRO B 101 -32.08 21.42 -2.48
N GLU B 102 -32.86 22.50 -2.55
CA GLU B 102 -33.18 23.31 -1.38
C GLU B 102 -34.12 22.56 -0.43
N ALA B 103 -35.04 21.78 -1.00
CA ALA B 103 -36.04 21.04 -0.24
C ALA B 103 -35.44 19.91 0.59
N VAL B 104 -34.58 19.10 -0.04
CA VAL B 104 -33.97 17.94 0.61
C VAL B 104 -32.91 18.32 1.63
N PHE B 105 -32.33 19.51 1.47
CA PHE B 105 -31.24 19.98 2.33
C PHE B 105 -31.74 20.47 3.69
N PHE B 106 -32.66 21.45 3.67
CA PHE B 106 -33.16 22.07 4.89
C PHE B 106 -34.14 21.19 5.69
N THR B 107 -34.69 20.18 5.02
CA THR B 107 -35.54 19.20 5.69
C THR B 107 -34.70 18.25 6.53
N TYR B 108 -33.61 17.75 5.95
CA TYR B 108 -32.65 16.91 6.66
C TYR B 108 -31.88 17.69 7.72
N LEU B 109 -31.68 18.99 7.48
CA LEU B 109 -31.04 19.88 8.43
C LEU B 109 -31.96 20.12 9.63
N GLY B 110 -33.27 20.20 9.36
CA GLY B 110 -34.28 20.35 10.40
C GLY B 110 -34.36 19.15 11.33
N LYS B 111 -34.26 17.95 10.73
CA LYS B 111 -34.25 16.71 11.50
C LYS B 111 -32.95 16.55 12.29
N ALA B 112 -31.84 16.98 11.69
CA ALA B 112 -30.51 16.91 12.32
C ALA B 112 -30.43 17.77 13.59
N TRP B 113 -31.08 18.93 13.55
CA TRP B 113 -31.11 19.84 14.69
C TRP B 113 -32.02 19.33 15.81
N GLU B 114 -33.10 18.67 15.41
CA GLU B 114 -34.09 18.14 16.36
C GLU B 114 -33.56 16.94 17.15
N VAL B 115 -32.83 16.06 16.46
CA VAL B 115 -32.27 14.87 17.10
C VAL B 115 -31.04 15.18 17.95
N ASN B 116 -30.38 16.29 17.64
CA ASN B 116 -29.18 16.74 18.36
C ASN B 116 -29.45 17.11 19.81
N LYS B 117 -30.71 17.42 20.13
CA LYS B 117 -31.12 17.76 21.48
C LYS B 117 -30.98 16.58 22.45
N GLY B 118 -31.29 15.38 21.97
CA GLY B 118 -31.24 14.17 22.79
C GLY B 118 -30.03 13.28 22.53
N THR B 119 -29.27 13.60 21.49
CA THR B 119 -28.10 12.80 21.12
C THR B 119 -26.78 13.53 21.32
N ASN B 120 -26.77 14.84 21.06
CA ASN B 120 -25.55 15.67 21.09
C ASN B 120 -24.47 15.11 20.17
N CYS B 121 -24.77 15.08 18.87
CA CYS B 121 -23.88 14.48 17.87
C CYS B 121 -23.24 15.53 16.95
N VAL B 122 -23.97 16.60 16.67
CA VAL B 122 -23.47 17.68 15.81
C VAL B 122 -22.52 18.58 16.61
N THR B 123 -21.30 18.72 16.12
CA THR B 123 -20.28 19.53 16.79
C THR B 123 -20.05 20.91 16.15
N SER B 124 -20.22 20.98 14.82
CA SER B 124 -20.04 22.23 14.09
C SER B 124 -20.84 22.24 12.79
N TYR B 125 -21.52 23.34 12.53
CA TYR B 125 -22.27 23.52 11.28
C TYR B 125 -21.42 24.27 10.27
N LEU B 126 -21.30 23.69 9.07
CA LEU B 126 -20.53 24.28 7.99
C LEU B 126 -21.33 25.43 7.36
N THR B 127 -20.74 26.62 7.33
CA THR B 127 -21.44 27.83 6.93
C THR B 127 -21.65 27.94 5.41
N ASP B 128 -20.59 27.71 4.65
CA ASP B 128 -20.60 27.90 3.20
C ASP B 128 -21.25 26.74 2.41
N CYS B 129 -22.06 25.96 3.10
CA CYS B 129 -22.78 24.84 2.48
C CYS B 129 -23.97 25.31 1.67
N GLU B 130 -24.56 26.44 2.06
CA GLU B 130 -25.72 27.01 1.37
C GLU B 130 -25.35 27.61 0.01
N THR B 131 -24.10 28.07 -0.11
CA THR B 131 -23.58 28.59 -1.38
C THR B 131 -23.16 27.44 -2.30
N GLN B 132 -22.69 26.34 -1.70
CA GLN B 132 -22.33 25.12 -2.43
C GLN B 132 -23.57 24.45 -3.02
N LEU B 133 -24.72 24.63 -2.35
CA LEU B 133 -26.01 24.11 -2.78
C LEU B 133 -26.38 24.62 -4.19
N SER B 134 -26.22 25.93 -4.38
CA SER B 134 -26.54 26.56 -5.66
CA SER B 134 -26.54 26.56 -5.66
C SER B 134 -25.53 26.20 -6.74
N GLN B 135 -24.29 25.97 -6.33
CA GLN B 135 -23.20 25.63 -7.25
C GLN B 135 -22.88 24.13 -7.26
N ALA B 136 -23.93 23.31 -7.21
CA ALA B 136 -23.77 21.86 -7.24
C ALA B 136 -23.85 21.32 -8.67
N PRO B 137 -22.86 20.49 -9.08
CA PRO B 137 -22.83 19.89 -10.41
C PRO B 137 -23.98 18.91 -10.62
N ARG B 138 -24.75 19.15 -11.69
CA ARG B 138 -25.97 18.38 -11.97
C ARG B 138 -25.69 16.92 -12.35
N GLN B 139 -24.65 16.71 -13.14
CA GLN B 139 -24.28 15.37 -13.62
C GLN B 139 -23.55 14.52 -12.57
N GLY B 140 -23.44 15.04 -11.35
CA GLY B 140 -22.87 14.30 -10.23
C GLY B 140 -23.82 13.22 -9.73
N LEU B 141 -23.26 12.10 -9.29
CA LEU B 141 -24.05 10.94 -8.84
C LEU B 141 -24.76 11.19 -7.51
N LEU B 142 -24.20 12.07 -6.69
CA LEU B 142 -24.80 12.43 -5.40
C LEU B 142 -25.31 13.88 -5.40
N TYR B 143 -25.99 14.26 -6.46
CA TYR B 143 -26.49 15.63 -6.62
C TYR B 143 -27.52 16.00 -5.56
N GLY B 144 -27.24 17.08 -4.82
CA GLY B 144 -28.13 17.60 -3.78
C GLY B 144 -28.30 16.68 -2.59
N VAL B 145 -27.24 15.95 -2.23
CA VAL B 145 -27.28 15.03 -1.10
C VAL B 145 -26.56 15.61 0.12
N PRO B 146 -27.30 15.80 1.22
CA PRO B 146 -26.70 16.24 2.49
C PRO B 146 -25.86 15.12 3.09
N VAL B 147 -24.56 15.36 3.23
CA VAL B 147 -23.62 14.37 3.73
C VAL B 147 -22.98 14.82 5.05
N SER B 148 -23.16 14.03 6.09
CA SER B 148 -22.54 14.32 7.39
C SER B 148 -21.07 13.90 7.39
N LEU B 149 -20.24 14.69 8.05
CA LEU B 149 -18.80 14.43 8.11
C LEU B 149 -18.31 14.22 9.54
N LYS B 150 -17.35 13.33 9.70
CA LYS B 150 -16.66 13.14 10.97
C LYS B 150 -15.66 14.29 11.14
N GLU B 151 -15.38 14.66 12.39
CA GLU B 151 -14.55 15.83 12.68
C GLU B 151 -13.12 15.72 12.15
N CYS B 152 -12.64 14.48 11.99
CA CYS B 152 -11.30 14.22 11.44
C CYS B 152 -11.19 14.63 9.96
N PHE B 153 -12.31 14.61 9.25
CA PHE B 153 -12.36 15.10 7.88
C PHE B 153 -12.29 16.63 7.87
N SER B 154 -11.16 17.14 7.39
CA SER B 154 -10.88 18.58 7.42
C SER B 154 -11.74 19.36 6.43
N TYR B 155 -12.31 20.47 6.91
CA TYR B 155 -13.15 21.34 6.08
C TYR B 155 -12.63 22.76 6.14
N LYS B 156 -12.77 23.49 5.03
CA LYS B 156 -12.25 24.85 4.91
C LYS B 156 -12.90 25.81 5.91
N GLY B 157 -12.07 26.33 6.82
CA GLY B 157 -12.51 27.28 7.84
C GLY B 157 -13.17 26.64 9.05
N HIS B 158 -12.77 25.42 9.37
CA HIS B 158 -13.33 24.69 10.51
C HIS B 158 -12.28 23.91 11.29
N ASP B 159 -12.48 23.83 12.60
CA ASP B 159 -11.57 23.12 13.51
C ASP B 159 -11.77 21.61 13.43
N SER B 160 -10.64 20.89 13.42
CA SER B 160 -10.64 19.44 13.56
C SER B 160 -10.03 19.10 14.92
N THR B 161 -10.79 19.40 15.98
CA THR B 161 -10.31 19.32 17.35
C THR B 161 -9.95 17.90 17.80
N LEU B 162 -10.73 16.93 17.37
CA LEU B 162 -10.59 15.52 17.77
C LEU B 162 -10.75 15.32 19.29
N GLY B 163 -11.28 16.33 19.96
CA GLY B 163 -11.45 16.32 21.42
C GLY B 163 -10.25 16.85 22.18
N LEU B 164 -9.24 17.31 21.45
CA LEU B 164 -8.02 17.83 22.06
C LEU B 164 -8.02 19.36 22.13
N SER B 165 -7.22 19.91 23.03
CA SER B 165 -7.13 21.35 23.23
C SER B 165 -6.16 22.02 22.25
N LEU B 166 -5.10 21.31 21.88
CA LEU B 166 -4.08 21.85 20.97
C LEU B 166 -4.56 21.98 19.53
N ASN B 167 -5.53 21.15 19.16
CA ASN B 167 -6.12 21.18 17.82
C ASN B 167 -7.29 22.16 17.72
N GLU B 168 -7.76 22.64 18.87
CA GLU B 168 -8.79 23.66 18.92
C GLU B 168 -8.19 25.03 18.65
N GLY B 169 -8.85 25.81 17.80
CA GLY B 169 -8.36 27.13 17.41
C GLY B 169 -7.48 27.08 16.18
N MET B 170 -7.37 25.90 15.57
CA MET B 170 -6.61 25.72 14.34
C MET B 170 -7.53 25.27 13.20
N PRO B 171 -8.13 26.23 12.47
CA PRO B 171 -9.02 25.87 11.37
C PRO B 171 -8.27 25.38 10.14
N SER B 172 -8.83 24.38 9.46
CA SER B 172 -8.25 23.85 8.24
C SER B 172 -8.44 24.83 7.08
N GLU B 173 -7.36 25.06 6.34
CA GLU B 173 -7.36 26.05 5.26
C GLU B 173 -7.75 25.44 3.91
N SER B 174 -7.94 24.12 3.89
CA SER B 174 -8.31 23.40 2.67
C SER B 174 -9.13 22.15 2.99
N ASP B 175 -10.10 21.85 2.12
CA ASP B 175 -10.90 20.64 2.24
C ASP B 175 -10.06 19.42 1.86
N CYS B 176 -10.31 18.30 2.52
CA CYS B 176 -9.62 17.05 2.21
C CYS B 176 -10.15 16.43 0.91
N VAL B 177 -9.33 15.58 0.30
CA VAL B 177 -9.60 15.01 -1.03
C VAL B 177 -10.99 14.37 -1.15
N VAL B 178 -11.39 13.61 -0.14
CA VAL B 178 -12.69 12.93 -0.15
C VAL B 178 -13.88 13.88 -0.03
N VAL B 179 -13.67 15.03 0.60
CA VAL B 179 -14.70 16.08 0.66
C VAL B 179 -14.76 16.82 -0.68
N GLN B 180 -13.59 17.02 -1.29
CA GLN B 180 -13.48 17.68 -2.59
C GLN B 180 -14.26 16.94 -3.68
N VAL B 181 -14.13 15.61 -3.71
CA VAL B 181 -14.82 14.79 -4.71
C VAL B 181 -16.32 14.68 -4.48
N LEU B 182 -16.74 14.82 -3.22
CA LEU B 182 -18.15 14.87 -2.86
C LEU B 182 -18.81 16.13 -3.43
N LYS B 183 -18.11 17.26 -3.29
CA LYS B 183 -18.57 18.54 -3.84
C LYS B 183 -18.59 18.51 -5.37
N LEU B 184 -17.62 17.81 -5.95
CA LEU B 184 -17.54 17.64 -7.41
C LEU B 184 -18.59 16.68 -7.94
N GLN B 185 -19.09 15.81 -7.06
CA GLN B 185 -20.12 14.83 -7.43
C GLN B 185 -21.52 15.29 -6.99
N GLY B 186 -21.65 16.58 -6.68
CA GLY B 186 -22.94 17.18 -6.38
C GLY B 186 -23.33 17.21 -4.91
N ALA B 187 -22.69 16.37 -4.10
CA ALA B 187 -23.02 16.24 -2.68
C ALA B 187 -22.61 17.47 -1.87
N VAL B 188 -23.50 17.86 -0.94
CA VAL B 188 -23.27 19.02 -0.09
C VAL B 188 -23.12 18.59 1.36
N PRO B 189 -21.88 18.65 1.88
CA PRO B 189 -21.63 18.41 3.31
C PRO B 189 -22.20 19.54 4.16
N PHE B 190 -22.94 19.19 5.21
CA PHE B 190 -23.64 20.20 6.01
C PHE B 190 -23.12 20.43 7.43
N VAL B 191 -22.79 19.34 8.14
CA VAL B 191 -22.30 19.43 9.52
C VAL B 191 -21.11 18.51 9.82
N HIS B 192 -20.38 18.84 10.88
CA HIS B 192 -19.40 17.94 11.48
C HIS B 192 -20.02 17.17 12.62
N THR B 193 -19.57 15.92 12.82
CA THR B 193 -20.09 15.07 13.89
C THR B 193 -19.08 14.83 15.00
N ASN B 194 -19.58 14.69 16.22
CA ASN B 194 -18.75 14.58 17.43
C ASN B 194 -17.95 13.28 17.51
N VAL B 195 -16.76 13.39 18.07
CA VAL B 195 -15.86 12.24 18.27
C VAL B 195 -15.41 12.16 19.73
N PRO B 196 -15.02 10.95 20.20
CA PRO B 196 -14.40 10.85 21.51
C PRO B 196 -13.01 11.47 21.49
N GLN B 197 -12.51 11.84 22.67
CA GLN B 197 -11.19 12.45 22.80
C GLN B 197 -10.11 11.55 22.19
N SER B 198 -9.33 12.13 21.28
CA SER B 198 -8.23 11.44 20.56
C SER B 198 -8.67 10.37 19.56
N MET B 199 -9.97 10.08 19.52
CA MET B 199 -10.57 9.06 18.64
C MET B 199 -10.17 7.62 18.96
N LEU B 200 -9.37 7.43 20.02
CA LEU B 200 -8.88 6.10 20.38
C LEU B 200 -9.75 5.43 21.44
N SER B 201 -11.04 5.29 21.10
CA SER B 201 -12.03 4.61 21.94
C SER B 201 -13.31 4.41 21.14
N PHE B 202 -14.01 3.30 21.37
CA PHE B 202 -15.29 3.06 20.72
C PHE B 202 -16.49 3.55 21.54
N ASP B 203 -16.22 4.53 22.41
CA ASP B 203 -17.24 5.36 23.04
C ASP B 203 -17.23 6.70 22.30
N CYS B 204 -18.00 7.68 22.78
CA CYS B 204 -18.04 9.00 22.15
C CYS B 204 -18.28 10.13 23.14
N SER B 205 -17.18 10.66 23.68
CA SER B 205 -17.24 11.78 24.63
C SER B 205 -15.91 12.55 24.67
N ASN B 206 -16.01 13.88 24.68
CA ASN B 206 -14.84 14.75 24.76
C ASN B 206 -15.10 15.96 25.67
N PRO B 207 -14.05 16.44 26.38
CA PRO B 207 -14.19 17.58 27.30
C PRO B 207 -14.59 18.89 26.64
N LEU B 208 -14.39 18.99 25.32
CA LEU B 208 -14.67 20.21 24.57
C LEU B 208 -16.16 20.38 24.25
N PHE B 209 -16.74 19.42 23.54
CA PHE B 209 -18.10 19.52 23.05
C PHE B 209 -19.14 18.74 23.87
N GLY B 210 -18.66 17.74 24.62
CA GLY B 210 -19.52 16.98 25.52
C GLY B 210 -19.57 15.50 25.23
N GLN B 211 -20.70 14.88 25.58
CA GLN B 211 -20.90 13.44 25.43
C GLN B 211 -22.02 13.14 24.45
N THR B 212 -21.73 12.28 23.48
CA THR B 212 -22.72 11.83 22.51
C THR B 212 -23.52 10.65 23.09
N MET B 213 -24.82 10.63 22.81
CA MET B 213 -25.72 9.61 23.34
C MET B 213 -26.40 8.82 22.22
N ASN B 214 -26.76 7.57 22.52
CA ASN B 214 -27.45 6.70 21.58
C ASN B 214 -28.90 7.16 21.38
N PRO B 215 -29.33 7.28 20.11
CA PRO B 215 -30.69 7.74 19.79
C PRO B 215 -31.81 6.80 20.26
N TRP B 216 -31.46 5.53 20.47
CA TRP B 216 -32.43 4.53 20.92
C TRP B 216 -32.62 4.54 22.43
N LYS B 217 -31.51 4.62 23.16
CA LYS B 217 -31.53 4.64 24.63
C LYS B 217 -30.54 5.66 25.18
N SER B 218 -31.00 6.49 26.13
CA SER B 218 -30.23 7.59 26.68
C SER B 218 -28.98 7.15 27.46
N SER B 219 -29.10 6.05 28.20
CA SER B 219 -28.02 5.55 29.03
C SER B 219 -26.96 4.75 28.26
N LYS B 220 -27.18 4.61 26.95
CA LYS B 220 -26.30 3.81 26.11
C LYS B 220 -25.35 4.64 25.25
N SER B 221 -24.21 4.04 24.93
CA SER B 221 -23.22 4.66 24.05
C SER B 221 -23.63 4.51 22.58
N PRO B 222 -23.46 5.57 21.78
CA PRO B 222 -23.79 5.51 20.35
C PRO B 222 -22.67 4.88 19.52
N GLY B 223 -21.61 4.40 20.19
CA GLY B 223 -20.45 3.83 19.51
C GLY B 223 -19.32 4.81 19.38
N GLY B 224 -18.31 4.43 18.60
CA GLY B 224 -17.13 5.27 18.38
C GLY B 224 -16.09 4.61 17.49
N SER B 225 -15.17 5.39 16.93
CA SER B 225 -15.09 6.84 17.18
C SER B 225 -16.02 7.68 16.29
N SER B 226 -16.77 7.01 15.42
CA SER B 226 -17.78 7.69 14.59
C SER B 226 -19.14 7.68 15.28
N GLY B 227 -19.13 7.89 16.59
CA GLY B 227 -20.35 7.89 17.41
C GLY B 227 -21.34 8.98 17.05
N GLY B 228 -20.82 10.13 16.65
CA GLY B 228 -21.64 11.24 16.16
C GLY B 228 -22.33 10.90 14.85
N GLU B 229 -21.63 10.16 14.00
CA GLU B 229 -22.17 9.69 12.73
C GLU B 229 -23.28 8.66 12.92
N GLY B 230 -23.08 7.75 13.87
CA GLY B 230 -24.07 6.73 14.19
C GLY B 230 -25.34 7.30 14.77
N ALA B 231 -25.19 8.25 15.69
CA ALA B 231 -26.33 8.88 16.36
C ALA B 231 -27.19 9.72 15.41
N LEU B 232 -26.53 10.37 14.45
CA LEU B 232 -27.22 11.24 13.51
C LEU B 232 -27.97 10.46 12.43
N ILE B 233 -27.26 9.55 11.76
CA ILE B 233 -27.84 8.74 10.68
C ILE B 233 -28.88 7.76 11.21
N GLY B 234 -28.60 7.18 12.38
CA GLY B 234 -29.50 6.24 13.04
C GLY B 234 -30.85 6.83 13.42
N SER B 235 -30.85 8.12 13.75
CA SER B 235 -32.08 8.83 14.11
C SER B 235 -32.75 9.49 12.89
N GLY B 236 -32.01 9.53 11.77
CA GLY B 236 -32.54 10.05 10.52
C GLY B 236 -32.13 11.49 10.19
N GLY B 237 -31.11 11.98 10.88
CA GLY B 237 -30.60 13.33 10.66
C GLY B 237 -29.78 13.48 9.39
N SER B 238 -29.18 12.37 8.94
CA SER B 238 -28.40 12.35 7.72
C SER B 238 -28.60 11.04 6.95
N PRO B 239 -28.75 11.12 5.62
CA PRO B 239 -28.92 9.92 4.81
C PRO B 239 -27.58 9.25 4.46
N LEU B 240 -26.49 10.03 4.49
CA LEU B 240 -25.16 9.55 4.14
C LEU B 240 -24.10 10.20 5.01
N GLY B 241 -23.06 9.44 5.33
CA GLY B 241 -21.97 9.93 6.18
C GLY B 241 -20.63 9.30 5.91
N LEU B 242 -19.58 9.91 6.46
CA LEU B 242 -18.21 9.39 6.35
C LEU B 242 -17.55 9.25 7.71
N GLY B 243 -16.76 8.20 7.87
CA GLY B 243 -16.05 7.92 9.11
C GLY B 243 -14.76 7.14 8.91
N THR B 244 -13.83 7.31 9.86
CA THR B 244 -12.55 6.59 9.82
C THR B 244 -12.61 5.30 10.64
N ASP B 245 -11.61 4.44 10.48
CA ASP B 245 -11.54 3.16 11.16
C ASP B 245 -10.11 2.66 11.27
N ILE B 246 -9.72 2.26 12.47
CA ILE B 246 -8.41 1.66 12.72
C ILE B 246 -8.51 0.53 13.75
N GLY B 247 -9.63 0.52 14.48
CA GLY B 247 -9.92 -0.51 15.47
C GLY B 247 -11.36 -0.98 15.42
N GLY B 248 -12.16 -0.33 14.57
CA GLY B 248 -13.58 -0.65 14.42
C GLY B 248 -14.47 0.58 14.48
N SER B 249 -13.87 1.74 14.21
CA SER B 249 -14.53 3.04 14.39
C SER B 249 -15.74 3.30 13.48
N ILE B 250 -15.84 2.56 12.37
CA ILE B 250 -17.02 2.64 11.51
C ILE B 250 -18.07 1.62 11.95
N ARG B 251 -17.60 0.41 12.25
CA ARG B 251 -18.48 -0.73 12.54
C ARG B 251 -19.13 -0.69 13.92
N PHE B 252 -18.44 -0.11 14.90
CA PHE B 252 -18.98 0.01 16.26
C PHE B 252 -20.25 0.86 16.37
N PRO B 253 -20.21 2.13 15.87
CA PRO B 253 -21.41 2.97 15.97
C PRO B 253 -22.54 2.53 15.03
N SER B 254 -22.19 1.81 13.96
CA SER B 254 -23.18 1.32 13.01
C SER B 254 -24.03 0.20 13.60
N ALA B 255 -23.40 -0.66 14.40
CA ALA B 255 -24.09 -1.75 15.09
C ALA B 255 -24.90 -1.24 16.28
N PHE B 256 -24.34 -0.25 16.97
CA PHE B 256 -24.93 0.31 18.19
C PHE B 256 -26.19 1.12 17.91
N CYS B 257 -26.26 1.73 16.73
CA CYS B 257 -27.37 2.60 16.36
C CYS B 257 -28.29 1.97 15.30
N GLY B 258 -27.82 0.91 14.66
CA GLY B 258 -28.62 0.17 13.68
C GLY B 258 -28.58 0.75 12.28
N ILE B 259 -27.37 1.04 11.81
CA ILE B 259 -27.16 1.51 10.43
C ILE B 259 -26.04 0.72 9.74
N CYS B 260 -25.91 0.91 8.44
CA CYS B 260 -24.92 0.20 7.65
C CYS B 260 -23.65 1.02 7.46
N GLY B 261 -22.51 0.39 7.73
CA GLY B 261 -21.21 1.05 7.59
C GLY B 261 -20.17 0.13 6.99
N LEU B 262 -19.41 0.65 6.04
CA LEU B 262 -18.38 -0.13 5.36
C LEU B 262 -16.98 0.39 5.66
N LYS B 263 -16.07 -0.53 5.97
CA LYS B 263 -14.66 -0.23 6.13
C LYS B 263 -13.87 -0.87 4.97
N PRO B 264 -13.44 -0.05 3.99
CA PRO B 264 -12.65 -0.52 2.85
C PRO B 264 -11.22 -0.90 3.22
N THR B 265 -10.42 -1.23 2.20
CA THR B 265 -9.00 -1.53 2.38
C THR B 265 -8.22 -0.26 2.72
N GLY B 266 -7.03 -0.44 3.30
CA GLY B 266 -6.18 0.67 3.73
C GLY B 266 -6.09 1.85 2.79
N ASN B 267 -5.83 1.58 1.52
CA ASN B 267 -5.67 2.64 0.52
C ASN B 267 -6.61 2.51 -0.69
N ARG B 268 -7.88 2.24 -0.41
CA ARG B 268 -8.92 2.23 -1.44
C ARG B 268 -9.51 3.64 -1.59
N LEU B 269 -9.47 4.40 -0.49
CA LEU B 269 -9.91 5.79 -0.50
C LEU B 269 -8.82 6.71 0.05
N SER B 270 -8.84 7.97 -0.37
CA SER B 270 -7.81 8.94 -0.05
C SER B 270 -7.77 9.30 1.44
N LYS B 271 -6.63 9.06 2.07
CA LYS B 271 -6.40 9.42 3.47
C LYS B 271 -5.78 10.81 3.59
N SER B 272 -5.62 11.49 2.45
CA SER B 272 -5.01 12.82 2.40
C SER B 272 -5.96 13.89 2.96
N GLY B 273 -5.43 14.72 3.83
CA GLY B 273 -6.20 15.80 4.46
C GLY B 273 -6.89 15.40 5.75
N LEU B 274 -6.83 14.10 6.07
CA LEU B 274 -7.44 13.58 7.30
C LEU B 274 -6.59 13.89 8.53
N LYS B 275 -7.25 14.30 9.60
CA LYS B 275 -6.59 14.66 10.85
C LYS B 275 -6.56 13.48 11.82
N GLY B 276 -5.45 13.33 12.53
CA GLY B 276 -5.28 12.27 13.52
C GLY B 276 -4.33 12.66 14.64
N CYS B 277 -4.12 11.73 15.57
CA CYS B 277 -3.19 11.95 16.69
C CYS B 277 -1.80 11.43 16.37
N VAL B 278 -1.73 10.22 15.80
CA VAL B 278 -0.46 9.60 15.44
C VAL B 278 -0.35 9.48 13.92
N TYR B 279 0.68 10.11 13.35
CA TYR B 279 0.94 10.06 11.92
C TYR B 279 2.12 9.16 11.60
N GLY B 280 1.92 8.26 10.63
CA GLY B 280 2.98 7.35 10.19
C GLY B 280 2.77 5.90 10.58
N GLN B 281 1.68 5.63 11.29
CA GLN B 281 1.35 4.27 11.71
C GLN B 281 0.78 3.49 10.52
N THR B 282 1.58 2.54 10.02
CA THR B 282 1.21 1.77 8.81
C THR B 282 0.99 0.29 9.09
N ALA B 283 1.51 -0.20 10.22
CA ALA B 283 1.37 -1.60 10.62
C ALA B 283 -0.10 -2.02 10.70
N VAL B 284 -0.89 -1.23 11.42
CA VAL B 284 -2.35 -1.41 11.45
C VAL B 284 -2.97 -0.36 10.53
N GLN B 285 -3.61 -0.83 9.46
CA GLN B 285 -4.08 0.05 8.39
C GLN B 285 -5.34 0.85 8.75
N LEU B 286 -5.22 2.17 8.65
CA LEU B 286 -6.34 3.08 8.85
C LEU B 286 -7.17 3.15 7.56
N SER B 287 -8.49 3.07 7.71
CA SER B 287 -9.40 3.09 6.57
C SER B 287 -10.59 4.01 6.79
N LEU B 288 -10.99 4.72 5.73
CA LEU B 288 -12.16 5.59 5.77
C LEU B 288 -13.26 5.02 4.86
N GLY B 289 -14.51 5.12 5.31
CA GLY B 289 -15.63 4.56 4.57
C GLY B 289 -16.96 5.25 4.79
N PRO B 290 -18.00 4.82 4.04
CA PRO B 290 -19.33 5.41 4.12
C PRO B 290 -20.19 4.83 5.24
N MET B 291 -21.16 5.62 5.69
CA MET B 291 -22.14 5.19 6.69
C MET B 291 -23.53 5.68 6.28
N ALA B 292 -24.48 4.75 6.19
CA ALA B 292 -25.85 5.05 5.74
C ALA B 292 -26.88 4.10 6.34
N ARG B 293 -28.16 4.38 6.09
CA ARG B 293 -29.26 3.56 6.61
C ARG B 293 -29.31 2.16 5.99
N ASP B 294 -29.07 2.09 4.68
CA ASP B 294 -29.09 0.83 3.95
C ASP B 294 -27.79 0.59 3.16
N VAL B 295 -27.55 -0.67 2.80
CA VAL B 295 -26.33 -1.06 2.07
C VAL B 295 -26.29 -0.57 0.63
N GLU B 296 -27.46 -0.33 0.06
CA GLU B 296 -27.60 0.20 -1.31
C GLU B 296 -27.08 1.63 -1.40
N SER B 297 -27.23 2.38 -0.30
CA SER B 297 -26.76 3.75 -0.20
C SER B 297 -25.23 3.83 -0.08
N LEU B 298 -24.64 2.79 0.48
CA LEU B 298 -23.18 2.69 0.64
C LEU B 298 -22.49 2.47 -0.70
N ALA B 299 -23.10 1.63 -1.54
CA ALA B 299 -22.56 1.28 -2.85
C ALA B 299 -22.57 2.47 -3.81
N LEU B 300 -23.64 3.27 -3.76
CA LEU B 300 -23.76 4.46 -4.59
C LEU B 300 -22.80 5.55 -4.13
N CYS B 301 -22.52 5.58 -2.83
CA CYS B 301 -21.53 6.49 -2.24
C CYS B 301 -20.12 6.09 -2.68
N LEU B 302 -19.84 4.79 -2.66
CA LEU B 302 -18.54 4.26 -3.06
C LEU B 302 -18.31 4.41 -4.56
N LYS B 303 -19.38 4.28 -5.35
CA LYS B 303 -19.33 4.47 -6.79
C LYS B 303 -19.04 5.92 -7.15
N ALA B 304 -19.57 6.83 -6.34
CA ALA B 304 -19.37 8.27 -6.54
C ALA B 304 -17.94 8.71 -6.21
N LEU B 305 -17.41 8.20 -5.10
CA LEU B 305 -16.06 8.54 -4.66
C LEU B 305 -14.97 7.88 -5.49
N LEU B 306 -15.28 6.72 -6.07
CA LEU B 306 -14.34 6.00 -6.94
C LEU B 306 -14.44 6.46 -8.38
N CYS B 307 -14.30 7.78 -8.59
CA CYS B 307 -14.36 8.37 -9.92
C CYS B 307 -12.99 8.95 -10.30
N GLU B 308 -12.92 9.54 -11.51
CA GLU B 308 -11.69 10.13 -12.03
C GLU B 308 -11.12 11.22 -11.12
N HIS B 309 -12.01 11.99 -10.49
CA HIS B 309 -11.61 13.12 -9.63
C HIS B 309 -10.78 12.71 -8.41
N LEU B 310 -11.05 11.53 -7.86
CA LEU B 310 -10.30 11.02 -6.71
C LEU B 310 -8.87 10.64 -7.09
N PHE B 311 -8.72 9.96 -8.23
CA PHE B 311 -7.41 9.48 -8.67
C PHE B 311 -6.56 10.60 -9.28
N THR B 312 -7.23 11.69 -9.67
CA THR B 312 -6.54 12.89 -10.14
C THR B 312 -6.05 13.72 -8.96
N LEU B 313 -6.91 13.91 -7.96
CA LEU B 313 -6.57 14.68 -6.76
C LEU B 313 -5.67 13.90 -5.80
N ASP B 314 -5.70 12.57 -5.90
CA ASP B 314 -4.82 11.71 -5.12
C ASP B 314 -4.38 10.49 -5.93
N PRO B 315 -3.22 10.57 -6.60
CA PRO B 315 -2.67 9.49 -7.44
C PRO B 315 -2.16 8.30 -6.62
N THR B 316 -1.95 8.50 -5.32
CA THR B 316 -1.45 7.43 -4.43
C THR B 316 -2.45 6.29 -4.31
N VAL B 317 -3.74 6.61 -4.45
CA VAL B 317 -4.80 5.61 -4.47
C VAL B 317 -4.88 4.98 -5.86
N PRO B 318 -4.81 3.64 -5.93
CA PRO B 318 -4.93 2.93 -7.22
C PRO B 318 -6.27 3.19 -7.91
N PRO B 319 -6.24 3.46 -9.23
CA PRO B 319 -7.45 3.80 -9.99
C PRO B 319 -8.37 2.60 -10.21
N LEU B 320 -8.95 2.10 -9.12
CA LEU B 320 -9.91 1.00 -9.17
C LEU B 320 -11.32 1.54 -9.26
N PRO B 321 -11.99 1.37 -10.42
CA PRO B 321 -13.37 1.83 -10.55
C PRO B 321 -14.33 0.91 -9.80
N PHE B 322 -15.53 1.42 -9.52
CA PHE B 322 -16.55 0.61 -8.86
C PHE B 322 -17.05 -0.48 -9.80
N ARG B 323 -16.68 -1.73 -9.49
CA ARG B 323 -17.07 -2.88 -10.29
C ARG B 323 -18.53 -3.24 -10.02
N GLU B 324 -19.41 -2.74 -10.88
CA GLU B 324 -20.85 -2.97 -10.77
C GLU B 324 -21.19 -4.44 -10.96
N GLU B 325 -20.41 -5.12 -11.80
CA GLU B 325 -20.59 -6.55 -12.08
C GLU B 325 -20.49 -7.42 -10.83
N VAL B 326 -19.58 -7.07 -9.93
CA VAL B 326 -19.33 -7.85 -8.72
C VAL B 326 -20.40 -7.57 -7.65
N TYR B 327 -20.82 -6.32 -7.55
CA TYR B 327 -21.81 -5.90 -6.55
C TYR B 327 -23.22 -6.43 -6.83
N ARG B 328 -23.64 -6.36 -8.10
CA ARG B 328 -24.99 -6.76 -8.50
C ARG B 328 -25.15 -8.28 -8.63
N SER B 329 -24.05 -9.01 -8.41
CA SER B 329 -24.01 -10.47 -8.58
C SER B 329 -25.02 -11.20 -7.70
N SER B 330 -25.61 -12.25 -8.25
CA SER B 330 -26.60 -13.07 -7.54
C SER B 330 -26.20 -14.56 -7.52
N ARG B 331 -24.97 -14.83 -7.94
CA ARG B 331 -24.42 -16.19 -7.94
C ARG B 331 -24.13 -16.66 -6.51
N PRO B 332 -24.52 -17.90 -6.17
CA PRO B 332 -24.28 -18.49 -4.85
C PRO B 332 -22.83 -18.33 -4.37
N LEU B 333 -22.66 -17.90 -3.13
CA LEU B 333 -21.34 -17.65 -2.54
C LEU B 333 -20.97 -18.75 -1.54
N ARG B 334 -19.68 -19.08 -1.52
CA ARG B 334 -19.13 -19.96 -0.49
C ARG B 334 -18.75 -19.12 0.72
N VAL B 335 -19.61 -19.14 1.73
CA VAL B 335 -19.50 -18.24 2.88
C VAL B 335 -18.89 -18.94 4.09
N GLY B 336 -17.78 -18.40 4.58
CA GLY B 336 -17.18 -18.86 5.84
C GLY B 336 -17.87 -18.19 7.01
N TYR B 337 -17.97 -18.91 8.13
CA TYR B 337 -18.63 -18.37 9.31
C TYR B 337 -18.02 -18.89 10.62
N TYR B 338 -18.16 -18.09 11.67
CA TYR B 338 -17.89 -18.53 13.04
C TYR B 338 -18.78 -17.78 14.04
N GLU B 339 -19.34 -18.53 14.98
CA GLU B 339 -20.25 -17.97 15.98
CA GLU B 339 -20.24 -17.98 15.99
C GLU B 339 -19.48 -17.21 17.08
N THR B 340 -18.22 -17.59 17.29
CA THR B 340 -17.37 -16.96 18.29
C THR B 340 -15.89 -17.02 17.89
N ASP B 341 -15.12 -16.03 18.32
CA ASP B 341 -13.69 -15.98 18.05
C ASP B 341 -12.86 -16.56 19.20
N ASN B 342 -13.55 -17.14 20.19
CA ASN B 342 -12.93 -17.71 21.39
C ASN B 342 -12.02 -16.75 22.16
N TYR B 343 -12.32 -15.46 22.06
CA TYR B 343 -11.59 -14.42 22.76
C TYR B 343 -12.55 -13.55 23.56
N THR B 344 -13.54 -13.00 22.86
CA THR B 344 -14.61 -12.22 23.48
C THR B 344 -15.92 -12.96 23.24
N MET B 345 -16.54 -13.42 24.33
CA MET B 345 -17.79 -14.17 24.27
C MET B 345 -18.91 -13.29 23.70
N PRO B 346 -19.61 -13.80 22.67
CA PRO B 346 -20.73 -13.05 22.09
C PRO B 346 -21.96 -13.09 23.00
N SER B 347 -22.70 -11.98 23.01
CA SER B 347 -23.94 -11.89 23.78
C SER B 347 -25.02 -12.77 23.13
N PRO B 348 -26.04 -13.18 23.92
CA PRO B 348 -27.18 -13.94 23.40
C PRO B 348 -27.81 -13.31 22.16
N ALA B 349 -27.77 -11.98 22.08
CA ALA B 349 -28.28 -11.24 20.92
C ALA B 349 -27.37 -11.40 19.70
N MET B 350 -26.06 -11.47 19.94
CA MET B 350 -25.07 -11.66 18.87
C MET B 350 -25.11 -13.08 18.30
N ARG B 351 -25.20 -14.06 19.19
CA ARG B 351 -25.20 -15.47 18.81
C ARG B 351 -26.45 -15.83 18.01
N ARG B 352 -27.59 -15.26 18.41
CA ARG B 352 -28.85 -15.46 17.69
C ARG B 352 -28.83 -14.80 16.33
N ALA B 353 -28.19 -13.63 16.24
CA ALA B 353 -28.07 -12.88 14.99
C ALA B 353 -27.17 -13.59 13.97
N LEU B 354 -26.15 -14.28 14.46
CA LEU B 354 -25.22 -15.02 13.60
C LEU B 354 -25.85 -16.29 13.04
N ILE B 355 -26.61 -16.99 13.87
CA ILE B 355 -27.29 -18.23 13.46
C ILE B 355 -28.44 -17.96 12.50
N GLU B 356 -29.25 -16.95 12.80
CA GLU B 356 -30.39 -16.57 11.96
C GLU B 356 -29.97 -16.13 10.56
N THR B 357 -28.87 -15.39 10.47
CA THR B 357 -28.28 -15.00 9.18
C THR B 357 -27.78 -16.22 8.42
N LYS B 358 -27.11 -17.13 9.14
CA LYS B 358 -26.60 -18.37 8.57
C LYS B 358 -27.72 -19.22 7.97
N GLN B 359 -28.81 -19.38 8.72
CA GLN B 359 -29.96 -20.18 8.30
C GLN B 359 -30.71 -19.58 7.11
N ARG B 360 -30.77 -18.24 7.08
CA ARG B 360 -31.40 -17.53 5.96
C ARG B 360 -30.58 -17.63 4.68
N LEU B 361 -29.25 -17.63 4.84
CA LEU B 361 -28.34 -17.77 3.71
C LEU B 361 -28.30 -19.20 3.19
N GLU B 362 -28.43 -20.17 4.08
CA GLU B 362 -28.49 -21.59 3.72
C GLU B 362 -29.75 -21.92 2.93
N ALA B 363 -30.84 -21.25 3.25
CA ALA B 363 -32.12 -21.42 2.55
C ALA B 363 -32.11 -20.74 1.18
N ALA B 364 -31.30 -19.69 1.07
CA ALA B 364 -31.18 -18.92 -0.18
C ALA B 364 -30.39 -19.68 -1.26
N GLY B 365 -29.48 -20.55 -0.82
CA GLY B 365 -28.67 -21.35 -1.73
C GLY B 365 -27.17 -21.20 -1.54
N HIS B 366 -26.78 -20.48 -0.48
CA HIS B 366 -25.37 -20.25 -0.15
C HIS B 366 -24.84 -21.36 0.75
N THR B 367 -23.64 -21.83 0.46
CA THR B 367 -22.99 -22.86 1.26
C THR B 367 -22.23 -22.24 2.43
N LEU B 368 -22.60 -22.63 3.64
CA LEU B 368 -21.96 -22.10 4.85
C LEU B 368 -20.95 -23.09 5.42
N ILE B 369 -19.69 -22.65 5.49
CA ILE B 369 -18.58 -23.50 5.94
C ILE B 369 -17.95 -22.91 7.20
N PRO B 370 -17.83 -23.72 8.27
CA PRO B 370 -17.19 -23.25 9.50
C PRO B 370 -15.73 -22.86 9.30
N PHE B 371 -15.47 -21.56 9.38
CA PHE B 371 -14.14 -21.01 9.16
C PHE B 371 -13.72 -20.11 10.31
N LEU B 372 -12.50 -20.31 10.80
CA LEU B 372 -11.94 -19.50 11.88
C LEU B 372 -10.48 -19.15 11.59
N PRO B 373 -10.13 -17.85 11.67
CA PRO B 373 -8.76 -17.41 11.46
C PRO B 373 -7.79 -18.01 12.49
N ASN B 374 -6.59 -18.33 12.05
CA ASN B 374 -5.57 -18.91 12.91
C ASN B 374 -5.00 -17.88 13.89
N ASN B 375 -4.64 -18.36 15.09
CA ASN B 375 -4.00 -17.54 16.12
C ASN B 375 -4.61 -16.15 16.30
N ILE B 376 -5.88 -16.12 16.71
CA ILE B 376 -6.58 -14.86 16.94
C ILE B 376 -6.02 -14.09 18.15
N PRO B 377 -5.86 -14.76 19.32
CA PRO B 377 -5.28 -14.07 20.49
C PRO B 377 -3.88 -13.53 20.22
N TYR B 378 -3.13 -14.23 19.37
CA TYR B 378 -1.81 -13.78 18.94
C TYR B 378 -1.91 -12.53 18.06
N ALA B 379 -2.94 -12.48 17.21
CA ALA B 379 -3.13 -11.36 16.29
C ALA B 379 -3.59 -10.08 16.98
N LEU B 380 -4.32 -10.22 18.08
CA LEU B 380 -4.87 -9.07 18.80
C LEU B 380 -3.92 -8.51 19.84
N GLU B 381 -3.25 -9.41 20.57
CA GLU B 381 -2.44 -9.03 21.72
C GLU B 381 -1.06 -8.45 21.38
N VAL B 382 -0.38 -9.04 20.41
CA VAL B 382 0.97 -8.58 20.05
C VAL B 382 1.09 -7.92 18.66
N LEU B 383 0.19 -8.26 17.75
CA LEU B 383 0.20 -7.69 16.41
C LEU B 383 -0.64 -6.41 16.28
N SER B 384 -1.90 -6.50 16.70
CA SER B 384 -2.82 -5.36 16.64
C SER B 384 -2.50 -4.31 17.70
N ALA B 385 -2.29 -4.76 18.93
CA ALA B 385 -1.95 -3.87 20.04
C ALA B 385 -0.51 -3.38 19.95
N GLY B 386 0.38 -4.25 19.47
CA GLY B 386 1.79 -3.90 19.28
C GLY B 386 2.02 -2.95 18.13
N GLY B 387 1.18 -3.07 17.09
CA GLY B 387 1.27 -2.21 15.92
C GLY B 387 0.83 -0.78 16.17
N LEU B 388 -0.25 -0.63 16.95
CA LEU B 388 -0.80 0.68 17.29
C LEU B 388 0.04 1.40 18.35
N PHE B 389 0.71 0.63 19.20
CA PHE B 389 1.49 1.18 20.30
C PHE B 389 2.94 0.69 20.26
N SER B 390 3.61 0.91 19.12
CA SER B 390 5.00 0.52 18.95
C SER B 390 5.96 1.46 19.67
N ASP B 391 5.55 2.72 19.83
CA ASP B 391 6.36 3.74 20.48
C ASP B 391 6.07 3.84 21.99
N GLY B 392 5.09 3.08 22.45
CA GLY B 392 4.64 3.14 23.83
C GLY B 392 3.58 4.20 24.04
N GLY B 393 3.09 4.76 22.93
CA GLY B 393 2.06 5.79 22.96
C GLY B 393 2.60 7.19 23.24
N ARG B 394 3.91 7.37 23.06
CA ARG B 394 4.55 8.66 23.32
C ARG B 394 4.13 9.76 22.34
N SER B 395 3.85 9.37 21.09
CA SER B 395 3.30 10.29 20.10
C SER B 395 1.83 10.58 20.39
N PHE B 396 1.16 9.58 20.98
CA PHE B 396 -0.25 9.68 21.33
C PHE B 396 -0.47 10.55 22.58
N LEU B 397 0.39 10.38 23.58
CA LEU B 397 0.28 11.10 24.84
C LEU B 397 0.74 12.56 24.75
N GLN B 398 1.37 12.90 23.62
CA GLN B 398 1.85 14.26 23.37
C GLN B 398 0.68 15.24 23.19
N ASN B 399 -0.46 14.71 22.74
CA ASN B 399 -1.67 15.51 22.54
C ASN B 399 -2.41 15.81 23.85
N PHE B 400 -2.10 15.04 24.89
CA PHE B 400 -2.79 15.16 26.18
C PHE B 400 -2.06 16.06 27.19
N LYS B 401 -1.03 16.77 26.74
CA LYS B 401 -0.28 17.68 27.59
C LYS B 401 -1.08 18.93 27.94
N GLY B 402 -1.41 19.07 29.23
CA GLY B 402 -2.19 20.20 29.72
C GLY B 402 -3.65 20.15 29.31
N ASP B 403 -4.21 18.94 29.24
CA ASP B 403 -5.58 18.73 28.81
C ASP B 403 -6.29 17.71 29.70
N PHE B 404 -7.60 17.89 29.86
CA PHE B 404 -8.43 16.97 30.64
C PHE B 404 -8.55 15.61 29.96
N VAL B 405 -8.72 14.55 30.76
CA VAL B 405 -8.95 13.21 30.26
C VAL B 405 -10.40 12.77 30.48
N ASP B 406 -11.07 12.40 29.40
CA ASP B 406 -12.48 12.01 29.44
C ASP B 406 -12.64 10.60 30.04
N PRO B 407 -13.59 10.45 30.98
CA PRO B 407 -13.87 9.16 31.62
C PRO B 407 -14.30 8.04 30.66
N CYS B 408 -14.64 8.40 29.42
CA CYS B 408 -15.02 7.40 28.41
C CYS B 408 -13.82 6.58 27.93
N LEU B 409 -12.63 7.16 28.01
CA LEU B 409 -11.39 6.46 27.71
C LEU B 409 -11.00 5.52 28.87
N GLY B 410 -11.40 5.90 30.08
CA GLY B 410 -11.11 5.12 31.28
C GLY B 410 -9.70 5.35 31.78
N ASP B 411 -8.98 4.25 32.00
CA ASP B 411 -7.60 4.30 32.47
C ASP B 411 -6.60 4.12 31.32
N LEU B 412 -7.05 4.39 30.11
CA LEU B 412 -6.25 4.25 28.89
C LEU B 412 -5.01 5.15 28.91
N ILE B 413 -5.17 6.36 29.44
CA ILE B 413 -4.10 7.34 29.52
C ILE B 413 -3.14 7.03 30.68
N LEU B 414 -3.70 6.65 31.83
CA LEU B 414 -2.93 6.34 33.03
C LEU B 414 -1.99 5.14 32.83
N ILE B 415 -2.45 4.17 32.04
CA ILE B 415 -1.67 2.96 31.74
C ILE B 415 -0.53 3.26 30.75
N LEU B 416 -0.83 4.09 29.75
CA LEU B 416 0.16 4.47 28.73
C LEU B 416 1.29 5.35 29.26
N ARG B 417 0.97 6.17 30.27
CA ARG B 417 1.95 7.09 30.86
C ARG B 417 2.97 6.40 31.76
N LEU B 418 2.72 5.13 32.07
CA LEU B 418 3.65 4.32 32.87
C LEU B 418 4.95 4.07 32.12
N PRO B 419 6.09 4.01 32.85
CA PRO B 419 7.39 3.74 32.24
C PRO B 419 7.48 2.34 31.62
N SER B 420 8.46 2.14 30.74
CA SER B 420 8.63 0.89 30.01
C SER B 420 8.94 -0.30 30.93
N TRP B 421 9.73 -0.05 31.97
CA TRP B 421 10.09 -1.09 32.94
C TRP B 421 8.91 -1.47 33.84
N PHE B 422 8.05 -0.50 34.12
CA PHE B 422 6.87 -0.69 34.97
C PHE B 422 5.78 -1.47 34.24
N LYS B 423 5.72 -1.29 32.91
CA LYS B 423 4.79 -2.04 32.07
C LYS B 423 5.20 -3.50 31.96
N ARG B 424 6.51 -3.73 31.83
CA ARG B 424 7.07 -5.08 31.72
C ARG B 424 6.97 -5.84 33.04
N LEU B 425 7.17 -5.13 34.15
CA LEU B 425 7.14 -5.72 35.49
C LEU B 425 5.75 -6.27 35.83
N LEU B 426 4.71 -5.53 35.46
CA LEU B 426 3.33 -5.95 35.69
C LEU B 426 2.87 -6.99 34.66
N SER B 427 3.60 -7.09 33.56
CA SER B 427 3.26 -8.04 32.49
C SER B 427 3.52 -9.50 32.89
N LEU B 428 4.72 -9.78 33.39
CA LEU B 428 5.08 -11.13 33.81
C LEU B 428 4.56 -11.48 35.21
N LEU B 429 4.05 -10.47 35.91
CA LEU B 429 3.46 -10.64 37.24
C LEU B 429 1.99 -11.05 37.14
N LEU B 430 1.27 -10.45 36.18
CA LEU B 430 -0.15 -10.72 35.98
C LEU B 430 -0.40 -11.77 34.88
N LYS B 431 0.68 -12.35 34.37
CA LYS B 431 0.60 -13.37 33.31
C LYS B 431 -0.12 -14.65 33.75
N PRO B 432 0.19 -15.18 34.97
CA PRO B 432 -0.57 -16.35 35.43
C PRO B 432 -2.00 -16.03 35.85
N LEU B 433 -2.24 -14.78 36.26
CA LEU B 433 -3.58 -14.34 36.67
C LEU B 433 -4.49 -14.12 35.48
N PHE B 434 -4.19 -13.09 34.69
CA PHE B 434 -4.98 -12.75 33.50
C PHE B 434 -4.08 -12.57 32.29
N PRO B 435 -4.09 -13.54 31.35
CA PRO B 435 -3.23 -13.52 30.16
C PRO B 435 -3.57 -12.41 29.17
N ARG B 436 -4.82 -11.95 29.18
CA ARG B 436 -5.28 -10.91 28.25
C ARG B 436 -4.68 -9.54 28.57
N LEU B 437 -4.79 -9.12 29.83
CA LEU B 437 -4.27 -7.83 30.28
C LEU B 437 -2.75 -7.79 30.28
N ALA B 438 -2.12 -8.94 30.53
CA ALA B 438 -0.67 -9.05 30.58
C ALA B 438 -0.01 -8.91 29.21
N ALA B 439 -0.58 -9.59 28.22
CA ALA B 439 -0.05 -9.57 26.85
C ALA B 439 -0.31 -8.23 26.16
N PHE B 440 -1.40 -7.58 26.52
CA PHE B 440 -1.73 -6.24 26.01
C PHE B 440 -0.78 -5.17 26.55
N LEU B 441 -0.44 -5.29 27.83
CA LEU B 441 0.44 -4.32 28.50
C LEU B 441 1.89 -4.39 28.01
N ASN B 442 2.33 -5.60 27.66
CA ASN B 442 3.68 -5.81 27.14
C ASN B 442 3.85 -5.22 25.73
N SER B 443 2.78 -5.23 24.95
CA SER B 443 2.79 -4.70 23.59
C SER B 443 2.67 -3.19 23.56
N MET B 444 2.24 -2.59 24.67
CA MET B 444 2.15 -1.14 24.80
C MET B 444 3.46 -0.52 25.25
N ARG B 445 4.55 -1.27 25.08
CA ARG B 445 5.90 -0.83 25.40
C ARG B 445 6.57 -0.22 24.16
N PRO B 446 7.50 0.75 24.37
CA PRO B 446 8.27 1.31 23.26
C PRO B 446 9.23 0.31 22.61
N ARG B 447 9.36 0.39 21.30
CA ARG B 447 10.22 -0.52 20.53
C ARG B 447 11.27 0.27 19.73
N SER B 448 12.21 -0.46 19.14
CA SER B 448 13.19 0.13 18.23
C SER B 448 12.73 -0.01 16.77
N ALA B 449 13.52 0.51 15.85
CA ALA B 449 13.23 0.40 14.42
C ALA B 449 13.36 -1.02 13.91
N GLU B 450 14.26 -1.79 14.53
CA GLU B 450 14.46 -3.20 14.21
C GLU B 450 13.26 -4.04 14.63
N LYS B 451 12.71 -3.74 15.80
CA LYS B 451 11.57 -4.45 16.36
C LYS B 451 10.27 -4.16 15.59
N LEU B 452 10.22 -2.99 14.96
CA LEU B 452 9.06 -2.60 14.15
C LEU B 452 9.00 -3.41 12.86
N TRP B 453 10.15 -3.59 12.21
CA TRP B 453 10.24 -4.39 10.98
C TRP B 453 9.92 -5.86 11.23
N LYS B 454 10.38 -6.37 12.37
CA LYS B 454 10.08 -7.74 12.80
C LYS B 454 8.58 -7.91 13.01
N LEU B 455 7.93 -6.87 13.52
CA LEU B 455 6.49 -6.84 13.70
C LEU B 455 5.76 -6.66 12.37
N GLN B 456 6.31 -5.81 11.50
CA GLN B 456 5.74 -5.53 10.19
C GLN B 456 5.74 -6.77 9.30
N HIS B 457 6.82 -7.56 9.39
CA HIS B 457 6.96 -8.80 8.64
C HIS B 457 6.02 -9.88 9.17
N GLU B 458 5.81 -9.89 10.48
CA GLU B 458 4.89 -10.84 11.12
C GLU B 458 3.43 -10.59 10.75
N ILE B 459 3.09 -9.33 10.52
CA ILE B 459 1.76 -8.95 10.05
C ILE B 459 1.59 -9.35 8.58
N GLU B 460 2.66 -9.20 7.80
CA GLU B 460 2.68 -9.60 6.39
C GLU B 460 2.59 -11.12 6.23
N MET B 461 3.19 -11.85 7.18
CA MET B 461 3.11 -13.31 7.21
C MET B 461 1.70 -13.75 7.64
N TYR B 462 1.14 -13.05 8.61
CA TYR B 462 -0.20 -13.35 9.13
C TYR B 462 -1.29 -13.09 8.09
N ARG B 463 -1.10 -12.05 7.28
CA ARG B 463 -2.03 -11.69 6.21
CA ARG B 463 -2.04 -11.70 6.22
C ARG B 463 -2.08 -12.79 5.16
N GLN B 464 -0.91 -13.35 4.83
CA GLN B 464 -0.81 -14.42 3.84
C GLN B 464 -1.27 -15.77 4.39
N SER B 465 -1.18 -15.96 5.70
CA SER B 465 -1.58 -17.20 6.35
C SER B 465 -3.10 -17.38 6.38
N VAL B 466 -3.81 -16.28 6.59
CA VAL B 466 -5.29 -16.28 6.58
C VAL B 466 -5.80 -16.39 5.14
N ILE B 467 -5.08 -15.77 4.20
CA ILE B 467 -5.38 -15.92 2.78
C ILE B 467 -5.16 -17.36 2.31
N ALA B 468 -4.14 -18.01 2.87
CA ALA B 468 -3.87 -19.42 2.61
C ALA B 468 -5.01 -20.32 3.09
N GLN B 469 -5.59 -19.97 4.23
CA GLN B 469 -6.76 -20.66 4.77
C GLN B 469 -8.03 -20.31 4.00
N TRP B 470 -8.08 -19.07 3.49
CA TRP B 470 -9.17 -18.59 2.66
C TRP B 470 -9.22 -19.35 1.34
N LYS B 471 -8.04 -19.62 0.77
CA LYS B 471 -7.91 -20.35 -0.49
C LYS B 471 -8.15 -21.86 -0.30
N ALA B 472 -7.64 -22.41 0.80
CA ALA B 472 -7.76 -23.84 1.09
C ALA B 472 -9.22 -24.26 1.33
N MET B 473 -9.96 -23.42 2.05
CA MET B 473 -11.39 -23.65 2.29
C MET B 473 -12.23 -23.15 1.12
N ASN B 474 -11.59 -22.44 0.19
CA ASN B 474 -12.24 -21.87 -0.99
C ASN B 474 -13.44 -20.98 -0.64
N LEU B 475 -13.14 -19.75 -0.23
CA LEU B 475 -14.18 -18.83 0.22
C LEU B 475 -14.29 -17.60 -0.69
N ASP B 476 -15.50 -17.06 -0.77
CA ASP B 476 -15.75 -15.81 -1.46
C ASP B 476 -15.88 -14.67 -0.46
N VAL B 477 -16.52 -14.96 0.67
CA VAL B 477 -16.80 -13.97 1.70
C VAL B 477 -16.85 -14.63 3.09
N LEU B 478 -16.80 -13.80 4.14
CA LEU B 478 -16.76 -14.29 5.52
C LEU B 478 -17.84 -13.66 6.40
N LEU B 479 -18.54 -14.49 7.15
CA LEU B 479 -19.57 -14.04 8.09
C LEU B 479 -19.00 -13.98 9.51
N THR B 480 -19.25 -12.86 10.18
CA THR B 480 -18.65 -12.57 11.48
C THR B 480 -19.68 -11.90 12.41
N PRO B 481 -19.71 -12.29 13.70
CA PRO B 481 -20.57 -11.59 14.66
C PRO B 481 -20.02 -10.20 14.96
N MET B 482 -20.90 -9.21 15.00
CA MET B 482 -20.50 -7.85 15.33
C MET B 482 -20.84 -7.51 16.78
N LEU B 483 -19.89 -6.89 17.46
CA LEU B 483 -20.03 -6.53 18.88
C LEU B 483 -21.33 -5.76 19.16
N GLY B 484 -22.27 -6.44 19.79
CA GLY B 484 -23.57 -5.87 20.11
C GLY B 484 -24.21 -6.50 21.34
N PRO B 485 -25.24 -5.84 21.90
CA PRO B 485 -25.78 -4.55 21.47
C PRO B 485 -24.99 -3.37 22.04
N ALA B 486 -25.60 -2.19 22.03
CA ALA B 486 -24.95 -0.97 22.53
C ALA B 486 -24.55 -1.09 24.00
N LEU B 487 -23.34 -0.65 24.30
CA LEU B 487 -22.81 -0.65 25.66
C LEU B 487 -23.26 0.60 26.40
N ASP B 488 -23.16 0.56 27.74
CA ASP B 488 -23.49 1.71 28.58
C ASP B 488 -22.45 2.83 28.42
N LEU B 489 -22.80 4.02 28.89
CA LEU B 489 -21.91 5.18 28.82
C LEU B 489 -20.71 5.02 29.75
N ASN B 490 -19.53 5.37 29.24
CA ASN B 490 -18.26 5.30 29.98
C ASN B 490 -17.84 3.88 30.39
N THR B 491 -18.16 2.90 29.54
CA THR B 491 -17.76 1.51 29.76
C THR B 491 -16.98 0.87 28.61
N PRO B 492 -17.15 1.37 27.35
CA PRO B 492 -16.37 0.84 26.23
C PRO B 492 -14.86 0.97 26.40
N GLY B 493 -14.42 2.07 27.02
CA GLY B 493 -13.00 2.29 27.28
C GLY B 493 -12.40 1.32 28.29
N ARG B 494 -13.26 0.80 29.18
CA ARG B 494 -12.82 -0.15 30.20
C ARG B 494 -12.98 -1.60 29.73
N ALA B 495 -13.71 -1.80 28.63
CA ALA B 495 -13.84 -3.11 28.00
C ALA B 495 -13.06 -3.14 26.68
N THR B 496 -11.74 -3.25 26.81
CA THR B 496 -10.83 -3.17 25.67
C THR B 496 -10.92 -4.38 24.74
N GLY B 497 -11.04 -5.57 25.33
CA GLY B 497 -11.07 -6.83 24.58
C GLY B 497 -12.20 -7.01 23.58
N ALA B 498 -13.21 -6.14 23.66
CA ALA B 498 -14.39 -6.21 22.81
C ALA B 498 -14.13 -5.85 21.34
N ILE B 499 -12.95 -5.28 21.06
CA ILE B 499 -12.56 -4.88 19.71
C ILE B 499 -12.07 -6.06 18.86
N SER B 500 -12.11 -7.26 19.45
CA SER B 500 -11.58 -8.48 18.83
C SER B 500 -12.22 -8.83 17.47
N TYR B 501 -13.52 -8.58 17.35
CA TYR B 501 -14.25 -8.87 16.12
C TYR B 501 -13.98 -7.85 15.02
N THR B 502 -13.41 -6.71 15.38
CA THR B 502 -13.23 -5.60 14.45
C THR B 502 -11.76 -5.30 14.10
N VAL B 503 -10.91 -5.22 15.12
CA VAL B 503 -9.50 -4.82 14.93
C VAL B 503 -8.67 -5.90 14.20
N LEU B 504 -9.18 -7.12 14.19
CA LEU B 504 -8.55 -8.24 13.50
C LEU B 504 -8.41 -7.97 12.00
N TYR B 505 -9.44 -7.35 11.42
CA TYR B 505 -9.47 -7.09 9.98
C TYR B 505 -8.91 -5.72 9.61
N ASN B 506 -8.45 -4.98 10.62
CA ASN B 506 -7.61 -3.81 10.43
C ASN B 506 -6.16 -4.25 10.29
N CYS B 507 -5.78 -5.23 11.10
CA CYS B 507 -4.46 -5.86 11.05
C CYS B 507 -4.30 -6.65 9.75
N LEU B 508 -5.36 -7.35 9.36
CA LEU B 508 -5.40 -8.11 8.12
C LEU B 508 -5.59 -7.22 6.89
N ASP B 509 -6.14 -6.03 7.12
CA ASP B 509 -6.47 -5.06 6.06
C ASP B 509 -7.51 -5.62 5.07
N PHE B 510 -8.52 -6.29 5.63
CA PHE B 510 -9.62 -6.86 4.86
C PHE B 510 -10.81 -5.91 4.90
N PRO B 511 -11.49 -5.71 3.75
CA PRO B 511 -12.71 -4.91 3.72
C PRO B 511 -13.82 -5.53 4.56
N ALA B 512 -14.22 -4.83 5.61
CA ALA B 512 -15.23 -5.32 6.54
C ALA B 512 -16.40 -4.34 6.65
N GLY B 513 -17.62 -4.86 6.58
CA GLY B 513 -18.82 -4.06 6.67
C GLY B 513 -19.89 -4.68 7.53
N VAL B 514 -20.69 -3.84 8.20
CA VAL B 514 -21.74 -4.31 9.09
C VAL B 514 -23.13 -3.88 8.64
N VAL B 515 -24.13 -4.72 8.94
CA VAL B 515 -25.52 -4.46 8.58
C VAL B 515 -26.47 -4.96 9.68
N PRO B 516 -27.36 -4.07 10.19
CA PRO B 516 -28.35 -4.44 11.21
C PRO B 516 -29.29 -5.52 10.70
N VAL B 517 -29.47 -6.57 11.49
CA VAL B 517 -30.24 -7.74 11.08
C VAL B 517 -31.45 -8.04 11.97
N THR B 518 -31.32 -7.75 13.26
CA THR B 518 -32.36 -8.04 14.24
C THR B 518 -32.34 -7.08 15.43
N THR B 519 -33.46 -7.03 16.14
CA THR B 519 -33.59 -6.22 17.35
C THR B 519 -33.41 -7.12 18.57
N VAL B 520 -32.83 -6.57 19.63
CA VAL B 520 -32.66 -7.31 20.89
C VAL B 520 -34.02 -7.55 21.53
N THR B 521 -34.47 -8.81 21.48
CA THR B 521 -35.67 -9.23 22.20
C THR B 521 -35.33 -9.35 23.68
N ALA B 522 -36.33 -9.13 24.53
CA ALA B 522 -36.14 -9.19 25.98
C ALA B 522 -35.72 -10.59 26.45
N GLU B 523 -35.88 -11.59 25.58
CA GLU B 523 -35.39 -12.94 25.80
C GLU B 523 -33.86 -12.97 25.78
N ASP B 524 -33.27 -12.24 24.83
CA ASP B 524 -31.82 -12.15 24.68
C ASP B 524 -31.18 -11.38 25.83
N ASP B 525 -31.84 -10.30 26.26
CA ASP B 525 -31.37 -9.46 27.35
C ASP B 525 -31.42 -10.17 28.70
N ALA B 526 -32.36 -11.10 28.84
CA ALA B 526 -32.49 -11.90 30.06
C ALA B 526 -31.38 -12.94 30.16
N GLN B 527 -30.98 -13.52 29.03
CA GLN B 527 -29.94 -14.53 28.97
C GLN B 527 -28.53 -13.97 29.23
N MET B 528 -28.44 -12.65 29.33
CA MET B 528 -27.18 -11.96 29.64
C MET B 528 -26.70 -12.19 31.08
N GLU B 529 -27.54 -12.84 31.88
CA GLU B 529 -27.20 -13.15 33.27
C GLU B 529 -26.34 -14.41 33.35
N LEU B 530 -26.43 -15.26 32.32
CA LEU B 530 -25.62 -16.47 32.24
C LEU B 530 -24.25 -16.22 31.59
N TYR B 531 -24.08 -15.00 31.07
CA TYR B 531 -22.83 -14.55 30.47
C TYR B 531 -21.71 -14.51 31.51
N LYS B 532 -20.56 -15.09 31.17
CA LYS B 532 -19.42 -15.16 32.10
C LYS B 532 -18.10 -14.76 31.46
N GLY B 533 -17.91 -15.12 30.19
CA GLY B 533 -16.66 -14.86 29.47
C GLY B 533 -15.71 -16.03 29.58
N TYR B 534 -14.77 -16.11 28.63
CA TYR B 534 -13.79 -17.20 28.60
C TYR B 534 -12.65 -17.01 29.60
N PHE B 535 -12.43 -15.76 30.01
CA PHE B 535 -11.31 -15.41 30.87
C PHE B 535 -11.76 -14.97 32.27
N GLY B 536 -12.82 -14.16 32.32
CA GLY B 536 -13.37 -13.68 33.58
C GLY B 536 -12.66 -12.48 34.16
N ASP B 537 -11.77 -11.86 33.37
CA ASP B 537 -11.06 -10.66 33.77
C ASP B 537 -11.96 -9.43 33.72
N ILE B 538 -11.41 -8.27 34.10
CA ILE B 538 -12.18 -7.01 34.17
C ILE B 538 -12.91 -6.66 32.87
N TRP B 539 -12.32 -7.03 31.73
CA TRP B 539 -12.94 -6.78 30.43
C TRP B 539 -14.23 -7.59 30.23
N ASP B 540 -14.27 -8.79 30.81
CA ASP B 540 -15.45 -9.64 30.77
C ASP B 540 -16.51 -9.20 31.79
N ILE B 541 -16.05 -8.66 32.93
CA ILE B 541 -16.94 -8.21 34.00
C ILE B 541 -17.71 -6.94 33.60
N ILE B 542 -16.99 -5.96 33.07
CA ILE B 542 -17.58 -4.70 32.62
C ILE B 542 -18.51 -4.90 31.42
N LEU B 543 -18.09 -5.74 30.48
CA LEU B 543 -18.87 -6.03 29.27
C LEU B 543 -20.19 -6.75 29.58
N LYS B 544 -20.20 -7.55 30.64
CA LYS B 544 -21.40 -8.24 31.10
C LYS B 544 -22.43 -7.22 31.61
N LYS B 545 -21.97 -6.24 32.36
CA LYS B 545 -22.85 -5.20 32.92
C LYS B 545 -23.29 -4.19 31.86
N ALA B 546 -22.40 -3.91 30.91
CA ALA B 546 -22.63 -2.88 29.89
C ALA B 546 -23.65 -3.27 28.84
N MET B 547 -23.79 -4.57 28.58
CA MET B 547 -24.73 -5.07 27.57
C MET B 547 -26.11 -5.38 28.13
N LYS B 548 -26.26 -5.25 29.45
CA LYS B 548 -27.55 -5.45 30.13
C LYS B 548 -28.50 -4.28 29.87
N ASN B 549 -29.80 -4.53 30.11
CA ASN B 549 -30.87 -3.55 29.88
C ASN B 549 -30.79 -2.95 28.46
N SER B 550 -30.97 -3.79 27.46
CA SER B 550 -30.75 -3.42 26.07
C SER B 550 -31.91 -3.78 25.14
N VAL B 551 -33.11 -3.88 25.70
CA VAL B 551 -34.30 -4.22 24.94
C VAL B 551 -34.68 -3.09 23.99
N GLY B 552 -34.77 -3.41 22.69
CA GLY B 552 -35.11 -2.43 21.67
C GLY B 552 -33.93 -1.98 20.83
N LEU B 553 -32.72 -2.27 21.31
CA LEU B 553 -31.50 -1.92 20.58
C LEU B 553 -31.23 -2.89 19.43
N PRO B 554 -30.61 -2.39 18.33
CA PRO B 554 -30.36 -3.22 17.16
C PRO B 554 -29.05 -4.00 17.21
N VAL B 555 -29.03 -5.15 16.54
CA VAL B 555 -27.84 -6.00 16.43
C VAL B 555 -27.42 -6.10 14.96
N ALA B 556 -26.13 -5.99 14.70
CA ALA B 556 -25.59 -6.11 13.35
C ALA B 556 -24.69 -7.33 13.18
N VAL B 557 -24.41 -7.66 11.92
CA VAL B 557 -23.52 -8.78 11.58
C VAL B 557 -22.43 -8.30 10.61
N GLN B 558 -21.19 -8.63 10.93
CA GLN B 558 -20.03 -8.20 10.14
C GLN B 558 -19.79 -9.09 8.92
N CYS B 559 -19.45 -8.45 7.81
CA CYS B 559 -19.16 -9.13 6.55
C CYS B 559 -17.74 -8.79 6.09
N VAL B 560 -16.94 -9.83 5.84
CA VAL B 560 -15.53 -9.66 5.48
C VAL B 560 -15.19 -10.33 4.15
N ALA B 561 -14.58 -9.56 3.24
CA ALA B 561 -14.10 -10.10 1.96
C ALA B 561 -12.58 -9.92 1.84
N LEU B 562 -12.01 -10.54 0.80
CA LEU B 562 -10.57 -10.43 0.51
C LEU B 562 -10.15 -8.99 0.18
N PRO B 563 -8.87 -8.64 0.44
CA PRO B 563 -8.36 -7.28 0.19
C PRO B 563 -8.71 -6.74 -1.20
N TRP B 564 -9.06 -5.46 -1.25
CA TRP B 564 -9.44 -4.74 -2.48
C TRP B 564 -10.78 -5.19 -3.09
N GLN B 565 -11.54 -6.00 -2.34
CA GLN B 565 -12.85 -6.45 -2.80
C GLN B 565 -13.97 -5.82 -1.97
N GLU B 566 -14.17 -4.52 -2.16
CA GLU B 566 -15.22 -3.78 -1.48
C GLU B 566 -16.59 -4.08 -2.07
N GLU B 567 -16.64 -4.17 -3.39
CA GLU B 567 -17.87 -4.48 -4.12
C GLU B 567 -18.40 -5.89 -3.83
N LEU B 568 -17.48 -6.83 -3.62
CA LEU B 568 -17.83 -8.20 -3.23
C LEU B 568 -18.33 -8.24 -1.78
N CYS B 569 -17.74 -7.40 -0.94
CA CYS B 569 -18.16 -7.25 0.46
C CYS B 569 -19.56 -6.63 0.54
N LEU B 570 -19.80 -5.62 -0.30
CA LEU B 570 -21.10 -4.96 -0.38
C LEU B 570 -22.17 -5.84 -1.03
N ARG B 571 -21.74 -6.72 -1.93
CA ARG B 571 -22.62 -7.70 -2.57
C ARG B 571 -23.21 -8.65 -1.54
N PHE B 572 -22.36 -9.11 -0.61
CA PHE B 572 -22.78 -9.98 0.47
C PHE B 572 -23.60 -9.22 1.51
N MET B 573 -23.22 -7.97 1.75
CA MET B 573 -23.98 -7.07 2.64
C MET B 573 -25.38 -6.81 2.10
N ARG B 574 -25.49 -6.78 0.78
CA ARG B 574 -26.79 -6.66 0.10
C ARG B 574 -27.62 -7.93 0.29
N GLU B 575 -26.94 -9.07 0.29
CA GLU B 575 -27.60 -10.37 0.47
C GLU B 575 -28.10 -10.57 1.90
N VAL B 576 -27.26 -10.21 2.87
CA VAL B 576 -27.60 -10.34 4.29
C VAL B 576 -28.78 -9.45 4.67
N GLU B 577 -28.77 -8.22 4.17
CA GLU B 577 -29.84 -7.24 4.44
C GLU B 577 -31.18 -7.69 3.86
N GLN B 578 -31.15 -8.20 2.63
CA GLN B 578 -32.35 -8.60 1.91
C GLN B 578 -33.08 -9.76 2.59
N LEU B 579 -32.30 -10.71 3.12
CA LEU B 579 -32.85 -11.91 3.76
C LEU B 579 -33.33 -11.66 5.18
N MET B 580 -32.65 -10.77 5.90
CA MET B 580 -32.96 -10.50 7.31
C MET B 580 -33.96 -9.37 7.48
N THR B 581 -33.75 -8.26 6.76
CA THR B 581 -34.66 -7.12 6.79
C THR B 581 -35.16 -6.78 5.38
N PRO B 582 -36.20 -7.48 4.91
CA PRO B 582 -36.74 -7.26 3.56
C PRO B 582 -37.42 -5.89 3.38
N GLN B 583 -37.66 -5.19 4.50
CA GLN B 583 -38.25 -3.85 4.47
C GLN B 583 -37.33 -2.89 3.72
N LYS B 584 -36.04 -2.96 4.03
CA LYS B 584 -35.01 -2.26 3.27
C LYS B 584 -34.83 -2.96 1.93
N GLN B 585 -34.48 -2.19 0.90
CA GLN B 585 -34.29 -2.71 -0.46
C GLN B 585 -35.58 -3.31 -1.03
#